data_2DND
# 
_entry.id   2DND 
# 
_audit_conform.dict_name       mmcif_pdbx.dic 
_audit_conform.dict_version    5.387 
_audit_conform.dict_location   http://mmcif.pdb.org/dictionaries/ascii/mmcif_pdbx.dic 
# 
loop_
_database_2.database_id 
_database_2.database_code 
_database_2.pdbx_database_accession 
_database_2.pdbx_DOI 
PDB   2DND         pdb_00002dnd 10.2210/pdb2dnd/pdb 
RCSB  GDL003       ?            ?                   
WWPDB D_1000178006 ?            ?                   
# 
loop_
_pdbx_audit_revision_history.ordinal 
_pdbx_audit_revision_history.data_content_type 
_pdbx_audit_revision_history.major_revision 
_pdbx_audit_revision_history.minor_revision 
_pdbx_audit_revision_history.revision_date 
1 'Structure model' 1 0 1989-01-09 
2 'Structure model' 1 1 2008-05-22 
3 'Structure model' 1 2 2011-07-13 
4 'Structure model' 1 3 2024-02-14 
# 
_pdbx_audit_revision_details.ordinal             1 
_pdbx_audit_revision_details.revision_ordinal    1 
_pdbx_audit_revision_details.data_content_type   'Structure model' 
_pdbx_audit_revision_details.provider            repository 
_pdbx_audit_revision_details.type                'Initial release' 
_pdbx_audit_revision_details.description         ? 
_pdbx_audit_revision_details.details             ? 
# 
loop_
_pdbx_audit_revision_group.ordinal 
_pdbx_audit_revision_group.revision_ordinal 
_pdbx_audit_revision_group.data_content_type 
_pdbx_audit_revision_group.group 
1 2 'Structure model' 'Version format compliance' 
2 3 'Structure model' 'Version format compliance' 
3 4 'Structure model' 'Data collection'           
4 4 'Structure model' 'Database references'       
5 4 'Structure model' 'Derived calculations'      
# 
loop_
_pdbx_audit_revision_category.ordinal 
_pdbx_audit_revision_category.revision_ordinal 
_pdbx_audit_revision_category.data_content_type 
_pdbx_audit_revision_category.category 
1 4 'Structure model' chem_comp_atom 
2 4 'Structure model' chem_comp_bond 
3 4 'Structure model' database_2     
4 4 'Structure model' struct_site    
# 
loop_
_pdbx_audit_revision_item.ordinal 
_pdbx_audit_revision_item.revision_ordinal 
_pdbx_audit_revision_item.data_content_type 
_pdbx_audit_revision_item.item 
1 4 'Structure model' '_database_2.pdbx_DOI'                
2 4 'Structure model' '_database_2.pdbx_database_accession' 
3 4 'Structure model' '_struct_site.pdbx_auth_asym_id'      
4 4 'Structure model' '_struct_site.pdbx_auth_comp_id'      
5 4 'Structure model' '_struct_site.pdbx_auth_seq_id'       
# 
_pdbx_database_status.status_code                     REL 
_pdbx_database_status.entry_id                        2DND 
_pdbx_database_status.recvd_initial_deposition_date   1988-08-29 
_pdbx_database_status.deposit_site                    BNL 
_pdbx_database_status.process_site                    BNL 
_pdbx_database_status.SG_entry                        . 
_pdbx_database_status.pdb_format_compatible           Y 
_pdbx_database_status.status_code_mr                  ? 
_pdbx_database_status.status_code_sf                  ? 
_pdbx_database_status.status_code_cs                  ? 
_pdbx_database_status.status_code_nmr_data            ? 
_pdbx_database_status.methods_development_category    ? 
# 
loop_
_audit_author.name 
_audit_author.pdbx_ordinal 
'Coll, M.'        1 
'Frederick, C.A.' 2 
'Wang, A.H.-J.'   3 
'Rich, A.'        4 
# 
_citation.id                        primary 
_citation.title                     
;A bifurcated hydrogen-bonded conformation in the d(A.T) base pairs of the DNA dodecamer d(CGCAAATTTGCG) and its complex with distamycin.
;
_citation.journal_abbrev            Proc.Natl.Acad.Sci.USA 
_citation.journal_volume            84 
_citation.page_first                8385 
_citation.page_last                 8389 
_citation.year                      1987 
_citation.journal_id_ASTM           PNASA6 
_citation.country                   US 
_citation.journal_id_ISSN           0027-8424 
_citation.journal_id_CSD            0040 
_citation.book_publisher            ? 
_citation.pdbx_database_id_PubMed   3479798 
_citation.pdbx_database_id_DOI      10.1073/pnas.84.23.8385 
# 
loop_
_citation_author.citation_id 
_citation_author.name 
_citation_author.ordinal 
_citation_author.identifier_ORCID 
primary 'Coll, M.'        1 ? 
primary 'Frederick, C.A.' 2 ? 
primary 'Wang, A.H.'      3 ? 
primary 'Rich, A.'        4 ? 
# 
loop_
_entity.id 
_entity.type 
_entity.src_method 
_entity.pdbx_description 
_entity.formula_weight 
_entity.pdbx_number_of_molecules 
_entity.pdbx_ec 
_entity.pdbx_mutation 
_entity.pdbx_fragment 
_entity.details 
1 polymer     syn 
;DNA (5'-D(*CP*GP*CP*AP*AP*AP*TP*TP*TP*GP*CP*G)-3')
;
3662.404 2  ? ? ? ? 
2 non-polymer syn 'DISTAMYCIN A'                                       481.508  1  ? ? ? ? 
3 water       nat water                                                18.015   75 ? ? ? ? 
# 
_entity_poly.entity_id                      1 
_entity_poly.type                           polydeoxyribonucleotide 
_entity_poly.nstd_linkage                   no 
_entity_poly.nstd_monomer                   no 
_entity_poly.pdbx_seq_one_letter_code       '(DC)(DG)(DC)(DA)(DA)(DA)(DT)(DT)(DT)(DG)(DC)(DG)' 
_entity_poly.pdbx_seq_one_letter_code_can   CGCAAATTTGCG 
_entity_poly.pdbx_strand_id                 A,B 
_entity_poly.pdbx_target_identifier         ? 
# 
loop_
_pdbx_entity_nonpoly.entity_id 
_pdbx_entity_nonpoly.name 
_pdbx_entity_nonpoly.comp_id 
2 'DISTAMYCIN A' DMY 
3 water          HOH 
# 
loop_
_entity_poly_seq.entity_id 
_entity_poly_seq.num 
_entity_poly_seq.mon_id 
_entity_poly_seq.hetero 
1 1  DC n 
1 2  DG n 
1 3  DC n 
1 4  DA n 
1 5  DA n 
1 6  DA n 
1 7  DT n 
1 8  DT n 
1 9  DT n 
1 10 DG n 
1 11 DC n 
1 12 DG n 
# 
loop_
_chem_comp.id 
_chem_comp.type 
_chem_comp.mon_nstd_flag 
_chem_comp.name 
_chem_comp.pdbx_synonyms 
_chem_comp.formula 
_chem_comp.formula_weight 
DA  'DNA linking' y "2'-DEOXYADENOSINE-5'-MONOPHOSPHATE" ?                         'C10 H14 N5 O6 P' 331.222 
DC  'DNA linking' y "2'-DEOXYCYTIDINE-5'-MONOPHOSPHATE"  ?                         'C9 H14 N3 O7 P'  307.197 
DG  'DNA linking' y "2'-DEOXYGUANOSINE-5'-MONOPHOSPHATE" ?                         'C10 H14 N5 O7 P' 347.221 
DMY non-polymer   . 'DISTAMYCIN A'                       'DISTAMYCIN; STALLIMYCIN' 'C22 H27 N9 O4'   481.508 
DT  'DNA linking' y "THYMIDINE-5'-MONOPHOSPHATE"         ?                         'C10 H15 N2 O8 P' 322.208 
HOH non-polymer   . WATER                                ?                         'H2 O'            18.015  
# 
loop_
_pdbx_poly_seq_scheme.asym_id 
_pdbx_poly_seq_scheme.entity_id 
_pdbx_poly_seq_scheme.seq_id 
_pdbx_poly_seq_scheme.mon_id 
_pdbx_poly_seq_scheme.ndb_seq_num 
_pdbx_poly_seq_scheme.pdb_seq_num 
_pdbx_poly_seq_scheme.auth_seq_num 
_pdbx_poly_seq_scheme.pdb_mon_id 
_pdbx_poly_seq_scheme.auth_mon_id 
_pdbx_poly_seq_scheme.pdb_strand_id 
_pdbx_poly_seq_scheme.pdb_ins_code 
_pdbx_poly_seq_scheme.hetero 
A 1 1  DC 1  1  1  DC C A . n 
A 1 2  DG 2  2  2  DG G A . n 
A 1 3  DC 3  3  3  DC C A . n 
A 1 4  DA 4  4  4  DA A A . n 
A 1 5  DA 5  5  5  DA A A . n 
A 1 6  DA 6  6  6  DA A A . n 
A 1 7  DT 7  7  7  DT T A . n 
A 1 8  DT 8  8  8  DT T A . n 
A 1 9  DT 9  9  9  DT T A . n 
A 1 10 DG 10 10 10 DG G A . n 
A 1 11 DC 11 11 11 DC C A . n 
A 1 12 DG 12 12 12 DG G A . n 
B 1 1  DC 1  13 13 DC C B . n 
B 1 2  DG 2  14 14 DG G B . n 
B 1 3  DC 3  15 15 DC C B . n 
B 1 4  DA 4  16 16 DA A B . n 
B 1 5  DA 5  17 17 DA A B . n 
B 1 6  DA 6  18 18 DA A B . n 
B 1 7  DT 7  19 19 DT T B . n 
B 1 8  DT 8  20 20 DT T B . n 
B 1 9  DT 9  21 21 DT T B . n 
B 1 10 DG 10 22 22 DG G B . n 
B 1 11 DC 11 23 23 DC C B . n 
B 1 12 DG 12 24 24 DG G B . n 
# 
loop_
_pdbx_nonpoly_scheme.asym_id 
_pdbx_nonpoly_scheme.entity_id 
_pdbx_nonpoly_scheme.mon_id 
_pdbx_nonpoly_scheme.ndb_seq_num 
_pdbx_nonpoly_scheme.pdb_seq_num 
_pdbx_nonpoly_scheme.auth_seq_num 
_pdbx_nonpoly_scheme.pdb_mon_id 
_pdbx_nonpoly_scheme.auth_mon_id 
_pdbx_nonpoly_scheme.pdb_strand_id 
_pdbx_nonpoly_scheme.pdb_ins_code 
C 2 DMY 1  25  25  DMY DMY A . 
D 3 HOH 1  30  30  HOH HOH A . 
D 3 HOH 2  31  31  HOH HOH A . 
D 3 HOH 3  33  33  HOH HOH A . 
D 3 HOH 4  34  34  HOH HOH A . 
D 3 HOH 5  38  38  HOH HOH A . 
D 3 HOH 6  39  39  HOH HOH A . 
D 3 HOH 7  42  42  HOH HOH A . 
D 3 HOH 8  43  43  HOH HOH A . 
D 3 HOH 9  44  44  HOH HOH A . 
D 3 HOH 10 45  45  HOH HOH A . 
D 3 HOH 11 46  46  HOH HOH A . 
D 3 HOH 12 48  48  HOH HOH A . 
D 3 HOH 13 49  49  HOH HOH A . 
D 3 HOH 14 50  50  HOH HOH A . 
D 3 HOH 15 51  51  HOH HOH A . 
D 3 HOH 16 60  60  HOH HOH A . 
D 3 HOH 17 65  65  HOH HOH A . 
D 3 HOH 18 66  66  HOH HOH A . 
D 3 HOH 19 72  72  HOH HOH A . 
D 3 HOH 20 73  73  HOH HOH A . 
D 3 HOH 21 74  74  HOH HOH A . 
D 3 HOH 22 75  75  HOH HOH A . 
D 3 HOH 23 77  77  HOH HOH A . 
D 3 HOH 24 82  82  HOH HOH A . 
D 3 HOH 25 83  83  HOH HOH A . 
D 3 HOH 26 84  84  HOH HOH A . 
D 3 HOH 27 86  86  HOH HOH A . 
D 3 HOH 28 88  88  HOH HOH A . 
D 3 HOH 29 89  89  HOH HOH A . 
D 3 HOH 30 90  90  HOH HOH A . 
D 3 HOH 31 91  91  HOH HOH A . 
D 3 HOH 32 92  92  HOH HOH A . 
D 3 HOH 33 93  93  HOH HOH A . 
D 3 HOH 34 94  94  HOH HOH A . 
D 3 HOH 35 95  95  HOH HOH A . 
D 3 HOH 36 96  96  HOH HOH A . 
D 3 HOH 37 97  97  HOH HOH A . 
D 3 HOH 38 98  98  HOH HOH A . 
D 3 HOH 39 99  99  HOH HOH A . 
D 3 HOH 40 100 100 HOH HOH A . 
E 3 HOH 1  26  26  HOH HOH B . 
E 3 HOH 2  27  27  HOH HOH B . 
E 3 HOH 3  28  28  HOH HOH B . 
E 3 HOH 4  29  29  HOH HOH B . 
E 3 HOH 5  32  32  HOH HOH B . 
E 3 HOH 6  35  35  HOH HOH B . 
E 3 HOH 7  36  36  HOH HOH B . 
E 3 HOH 8  37  37  HOH HOH B . 
E 3 HOH 9  40  40  HOH HOH B . 
E 3 HOH 10 41  41  HOH HOH B . 
E 3 HOH 11 47  47  HOH HOH B . 
E 3 HOH 12 52  52  HOH HOH B . 
E 3 HOH 13 53  53  HOH HOH B . 
E 3 HOH 14 54  54  HOH HOH B . 
E 3 HOH 15 55  55  HOH HOH B . 
E 3 HOH 16 56  56  HOH HOH B . 
E 3 HOH 17 57  57  HOH HOH B . 
E 3 HOH 18 58  58  HOH HOH B . 
E 3 HOH 19 59  59  HOH HOH B . 
E 3 HOH 20 61  61  HOH HOH B . 
E 3 HOH 21 62  62  HOH HOH B . 
E 3 HOH 22 63  63  HOH HOH B . 
E 3 HOH 23 64  64  HOH HOH B . 
E 3 HOH 24 67  67  HOH HOH B . 
E 3 HOH 25 68  68  HOH HOH B . 
E 3 HOH 26 69  69  HOH HOH B . 
E 3 HOH 27 70  70  HOH HOH B . 
E 3 HOH 28 71  71  HOH HOH B . 
E 3 HOH 29 76  76  HOH HOH B . 
E 3 HOH 30 78  78  HOH HOH B . 
E 3 HOH 31 79  79  HOH HOH B . 
E 3 HOH 32 80  80  HOH HOH B . 
E 3 HOH 33 81  81  HOH HOH B . 
E 3 HOH 34 85  85  HOH HOH B . 
E 3 HOH 35 87  87  HOH HOH B . 
# 
_software.name             NUCLSQ 
_software.classification   refinement 
_software.version          . 
_software.citation_id      ? 
_software.pdbx_ordinal     1 
# 
_cell.entry_id           2DND 
_cell.length_a           25.200 
_cell.length_b           41.070 
_cell.length_c           64.650 
_cell.angle_alpha        90.00 
_cell.angle_beta         90.00 
_cell.angle_gamma        90.00 
_cell.Z_PDB              8 
_cell.pdbx_unique_axis   ? 
# 
_symmetry.entry_id                         2DND 
_symmetry.space_group_name_H-M             'P 21 21 21' 
_symmetry.pdbx_full_space_group_name_H-M   ? 
_symmetry.cell_setting                     ? 
_symmetry.Int_Tables_number                19 
# 
_exptl.entry_id          2DND 
_exptl.method            'X-RAY DIFFRACTION' 
_exptl.crystals_number   ? 
# 
_exptl_crystal.id                    1 
_exptl_crystal.density_meas          ? 
_exptl_crystal.density_Matthews      2.28 
_exptl_crystal.density_percent_sol   46.14 
_exptl_crystal.description           ? 
# 
_exptl_crystal_grow.crystal_id      1 
_exptl_crystal_grow.method          'VAPOR DIFFUSION' 
_exptl_crystal_grow.temp            ? 
_exptl_crystal_grow.temp_details    'ROOM TEMPERATURE' 
_exptl_crystal_grow.pH              6.50 
_exptl_crystal_grow.pdbx_details    'pH 6.50, VAPOR DIFFUSION' 
_exptl_crystal_grow.pdbx_pH_range   ? 
# 
loop_
_exptl_crystal_grow_comp.crystal_id 
_exptl_crystal_grow_comp.id 
_exptl_crystal_grow_comp.sol_id 
_exptl_crystal_grow_comp.name 
_exptl_crystal_grow_comp.volume 
_exptl_crystal_grow_comp.conc 
_exptl_crystal_grow_comp.details 
1 1 1 WATER           ? ? ? 
1 2 1 MPD             ? ? ? 
1 3 1 'NA CACODYLATE' ? ? ? 
1 4 1 SPERMINE        ? ? ? 
1 5 1 MGCL2           ? ? ? 
1 6 2 WATER           ? ? ? 
1 7 2 MPD             ? ? ? 
# 
_diffrn.id                     1 
_diffrn.ambient_temp           288.00 
_diffrn.ambient_temp_details   ? 
_diffrn.crystal_id             1 
# 
_diffrn_detector.diffrn_id              1 
_diffrn_detector.detector               DIFFRACTOMETER 
_diffrn_detector.type                   'NICOLET P3' 
_diffrn_detector.pdbx_collection_date   ? 
_diffrn_detector.details                ? 
# 
_diffrn_radiation.diffrn_id                        1 
_diffrn_radiation.wavelength_id                    1 
_diffrn_radiation.pdbx_monochromatic_or_laue_m_l   ? 
_diffrn_radiation.monochromator                    ? 
_diffrn_radiation.pdbx_diffrn_protocol             ? 
_diffrn_radiation.pdbx_scattering_type             x-ray 
# 
_diffrn_radiation_wavelength.id           1 
_diffrn_radiation_wavelength.wavelength   . 
_diffrn_radiation_wavelength.wt           1.0 
# 
_diffrn_source.diffrn_id                   1 
_diffrn_source.source                      ? 
_diffrn_source.type                        ? 
_diffrn_source.pdbx_synchrotron_site       ? 
_diffrn_source.pdbx_synchrotron_beamline   ? 
_diffrn_source.pdbx_wavelength             ? 
_diffrn_source.pdbx_wavelength_list        ? 
# 
_reflns.entry_id                     2DND 
_reflns.observed_criterion_sigma_I   ? 
_reflns.observed_criterion_sigma_F   2.000 
_reflns.d_resolution_low             ? 
_reflns.d_resolution_high            2.200 
_reflns.number_obs                   2369 
_reflns.number_all                   ? 
_reflns.percent_possible_obs         ? 
_reflns.pdbx_Rmerge_I_obs            ? 
_reflns.pdbx_Rsym_value              ? 
_reflns.pdbx_netI_over_sigmaI        ? 
_reflns.B_iso_Wilson_estimate        ? 
_reflns.pdbx_redundancy              ? 
_reflns.pdbx_diffrn_id               1 
_reflns.pdbx_ordinal                 1 
# 
_refine.entry_id                                 2DND 
_refine.ls_number_reflns_obs                     2369 
_refine.ls_number_reflns_all                     ? 
_refine.pdbx_ls_sigma_I                          ? 
_refine.pdbx_ls_sigma_F                          2.000 
_refine.pdbx_data_cutoff_high_absF               ? 
_refine.pdbx_data_cutoff_low_absF                ? 
_refine.pdbx_data_cutoff_high_rms_absF           ? 
_refine.ls_d_res_low                             ? 
_refine.ls_d_res_high                            2.200 
_refine.ls_percent_reflns_obs                    ? 
_refine.ls_R_factor_obs                          0.2020000 
_refine.ls_R_factor_all                          ? 
_refine.ls_R_factor_R_work                       ? 
_refine.ls_R_factor_R_free                       ? 
_refine.ls_R_factor_R_free_error                 ? 
_refine.ls_R_factor_R_free_error_details         ? 
_refine.ls_percent_reflns_R_free                 ? 
_refine.ls_number_reflns_R_free                  ? 
_refine.ls_number_parameters                     ? 
_refine.ls_number_restraints                     ? 
_refine.occupancy_min                            ? 
_refine.occupancy_max                            ? 
_refine.B_iso_mean                               ? 
_refine.aniso_B[1][1]                            ? 
_refine.aniso_B[2][2]                            ? 
_refine.aniso_B[3][3]                            ? 
_refine.aniso_B[1][2]                            ? 
_refine.aniso_B[1][3]                            ? 
_refine.aniso_B[2][3]                            ? 
_refine.solvent_model_details                    ? 
_refine.solvent_model_param_ksol                 ? 
_refine.solvent_model_param_bsol                 ? 
_refine.pdbx_ls_cross_valid_method               ? 
_refine.details                                  ? 
_refine.pdbx_starting_model                      ? 
_refine.pdbx_method_to_determine_struct          ? 
_refine.pdbx_isotropic_thermal_model             ? 
_refine.pdbx_stereochemistry_target_values       ? 
_refine.pdbx_stereochem_target_val_spec_case     ? 
_refine.pdbx_R_Free_selection_details            ? 
_refine.pdbx_overall_ESU_R                       ? 
_refine.pdbx_overall_ESU_R_Free                  ? 
_refine.overall_SU_ML                            ? 
_refine.overall_SU_B                             ? 
_refine.pdbx_refine_id                           'X-RAY DIFFRACTION' 
_refine.pdbx_diffrn_id                           1 
_refine.pdbx_TLS_residual_ADP_flag               ? 
_refine.correlation_coeff_Fo_to_Fc               ? 
_refine.correlation_coeff_Fo_to_Fc_free          ? 
_refine.pdbx_solvent_vdw_probe_radii             ? 
_refine.pdbx_solvent_ion_probe_radii             ? 
_refine.pdbx_solvent_shrinkage_radii             ? 
_refine.pdbx_overall_phase_error                 ? 
_refine.overall_SU_R_Cruickshank_DPI             ? 
_refine.pdbx_overall_SU_R_free_Cruickshank_DPI   ? 
_refine.pdbx_overall_SU_R_Blow_DPI               ? 
_refine.pdbx_overall_SU_R_free_Blow_DPI          ? 
# 
_refine_hist.pdbx_refine_id                   'X-RAY DIFFRACTION' 
_refine_hist.cycle_id                         LAST 
_refine_hist.pdbx_number_atoms_protein        0 
_refine_hist.pdbx_number_atoms_nucleic_acid   486 
_refine_hist.pdbx_number_atoms_ligand         35 
_refine_hist.number_atoms_solvent             75 
_refine_hist.number_atoms_total               596 
_refine_hist.d_res_high                       2.200 
_refine_hist.d_res_low                        . 
# 
_struct.entry_id                  2DND 
_struct.title                     
;A BIFURCATED HYDROGEN-BONDED CONFORMATION IN THE D(A.T) BASE PAIRS OF THE DNA DODECAMER D(CGCAAATTTGCG) AND ITS COMPLEX WITH DISTAMYCIN
;
_struct.pdbx_model_details        ? 
_struct.pdbx_CASP_flag            ? 
_struct.pdbx_model_type_details   ? 
# 
_struct_keywords.entry_id        2DND 
_struct_keywords.pdbx_keywords   DNA 
_struct_keywords.text            'B-DNA, DOUBLE HELIX, COMPLEXED WITH DRUG, DNA' 
# 
loop_
_struct_asym.id 
_struct_asym.pdbx_blank_PDB_chainid_flag 
_struct_asym.pdbx_modified 
_struct_asym.entity_id 
_struct_asym.details 
A N N 1 ? 
B N N 1 ? 
C N N 2 ? 
D N N 3 ? 
E N N 3 ? 
# 
_struct_ref.id                         1 
_struct_ref.entity_id                  1 
_struct_ref.db_name                    PDB 
_struct_ref.db_code                    2DND 
_struct_ref.pdbx_db_accession          2DND 
_struct_ref.pdbx_db_isoform            ? 
_struct_ref.pdbx_seq_one_letter_code   ? 
_struct_ref.pdbx_align_begin           ? 
# 
loop_
_struct_ref_seq.align_id 
_struct_ref_seq.ref_id 
_struct_ref_seq.pdbx_PDB_id_code 
_struct_ref_seq.pdbx_strand_id 
_struct_ref_seq.seq_align_beg 
_struct_ref_seq.pdbx_seq_align_beg_ins_code 
_struct_ref_seq.seq_align_end 
_struct_ref_seq.pdbx_seq_align_end_ins_code 
_struct_ref_seq.pdbx_db_accession 
_struct_ref_seq.db_align_beg 
_struct_ref_seq.pdbx_db_align_beg_ins_code 
_struct_ref_seq.db_align_end 
_struct_ref_seq.pdbx_db_align_end_ins_code 
_struct_ref_seq.pdbx_auth_seq_align_beg 
_struct_ref_seq.pdbx_auth_seq_align_end 
1 1 2DND A 1 ? 12 ? 2DND 1  ? 12 ? 1  12 
2 1 2DND B 1 ? 12 ? 2DND 13 ? 24 ? 13 24 
# 
_pdbx_struct_assembly.id                   1 
_pdbx_struct_assembly.details              author_defined_assembly 
_pdbx_struct_assembly.method_details       ? 
_pdbx_struct_assembly.oligomeric_details   dimeric 
_pdbx_struct_assembly.oligomeric_count     2 
# 
_pdbx_struct_assembly_gen.assembly_id       1 
_pdbx_struct_assembly_gen.oper_expression   1 
_pdbx_struct_assembly_gen.asym_id_list      A,B,C,D,E 
# 
_pdbx_struct_oper_list.id                   1 
_pdbx_struct_oper_list.type                 'identity operation' 
_pdbx_struct_oper_list.name                 1_555 
_pdbx_struct_oper_list.symmetry_operation   x,y,z 
_pdbx_struct_oper_list.matrix[1][1]         1.0000000000 
_pdbx_struct_oper_list.matrix[1][2]         0.0000000000 
_pdbx_struct_oper_list.matrix[1][3]         0.0000000000 
_pdbx_struct_oper_list.vector[1]            0.0000000000 
_pdbx_struct_oper_list.matrix[2][1]         0.0000000000 
_pdbx_struct_oper_list.matrix[2][2]         1.0000000000 
_pdbx_struct_oper_list.matrix[2][3]         0.0000000000 
_pdbx_struct_oper_list.vector[2]            0.0000000000 
_pdbx_struct_oper_list.matrix[3][1]         0.0000000000 
_pdbx_struct_oper_list.matrix[3][2]         0.0000000000 
_pdbx_struct_oper_list.matrix[3][3]         1.0000000000 
_pdbx_struct_oper_list.vector[3]            0.0000000000 
# 
_struct_biol.id   1 
# 
loop_
_struct_conn.id 
_struct_conn.conn_type_id 
_struct_conn.pdbx_leaving_atom_flag 
_struct_conn.pdbx_PDB_id 
_struct_conn.ptnr1_label_asym_id 
_struct_conn.ptnr1_label_comp_id 
_struct_conn.ptnr1_label_seq_id 
_struct_conn.ptnr1_label_atom_id 
_struct_conn.pdbx_ptnr1_label_alt_id 
_struct_conn.pdbx_ptnr1_PDB_ins_code 
_struct_conn.pdbx_ptnr1_standard_comp_id 
_struct_conn.ptnr1_symmetry 
_struct_conn.ptnr2_label_asym_id 
_struct_conn.ptnr2_label_comp_id 
_struct_conn.ptnr2_label_seq_id 
_struct_conn.ptnr2_label_atom_id 
_struct_conn.pdbx_ptnr2_label_alt_id 
_struct_conn.pdbx_ptnr2_PDB_ins_code 
_struct_conn.ptnr1_auth_asym_id 
_struct_conn.ptnr1_auth_comp_id 
_struct_conn.ptnr1_auth_seq_id 
_struct_conn.ptnr2_auth_asym_id 
_struct_conn.ptnr2_auth_comp_id 
_struct_conn.ptnr2_auth_seq_id 
_struct_conn.ptnr2_symmetry 
_struct_conn.pdbx_ptnr3_label_atom_id 
_struct_conn.pdbx_ptnr3_label_seq_id 
_struct_conn.pdbx_ptnr3_label_comp_id 
_struct_conn.pdbx_ptnr3_label_asym_id 
_struct_conn.pdbx_ptnr3_label_alt_id 
_struct_conn.pdbx_ptnr3_PDB_ins_code 
_struct_conn.details 
_struct_conn.pdbx_dist_value 
_struct_conn.pdbx_value_order 
_struct_conn.pdbx_role 
hydrog1  hydrog ? ? A DC 1  N3 ? ? ? 1_555 B DG 12 N1 ? ? A DC 1  B DG 24 1_555 ? ? ? ? ? ? WATSON-CRICK    ? ? ? 
hydrog2  hydrog ? ? A DC 1  N4 ? ? ? 1_555 B DG 12 O6 ? ? A DC 1  B DG 24 1_555 ? ? ? ? ? ? WATSON-CRICK    ? ? ? 
hydrog3  hydrog ? ? A DC 1  O2 ? ? ? 1_555 B DG 12 N2 ? ? A DC 1  B DG 24 1_555 ? ? ? ? ? ? WATSON-CRICK    ? ? ? 
hydrog4  hydrog ? ? A DG 2  N1 ? ? ? 1_555 B DC 11 N3 ? ? A DG 2  B DC 23 1_555 ? ? ? ? ? ? WATSON-CRICK    ? ? ? 
hydrog5  hydrog ? ? A DG 2  N2 ? ? ? 1_555 B DC 11 O2 ? ? A DG 2  B DC 23 1_555 ? ? ? ? ? ? WATSON-CRICK    ? ? ? 
hydrog6  hydrog ? ? A DG 2  O6 ? ? ? 1_555 B DC 11 N4 ? ? A DG 2  B DC 23 1_555 ? ? ? ? ? ? WATSON-CRICK    ? ? ? 
hydrog7  hydrog ? ? A DC 3  N3 ? ? ? 1_555 B DG 10 N1 ? ? A DC 3  B DG 22 1_555 ? ? ? ? ? ? WATSON-CRICK    ? ? ? 
hydrog8  hydrog ? ? A DC 3  N4 ? ? ? 1_555 B DG 10 O6 ? ? A DC 3  B DG 22 1_555 ? ? ? ? ? ? WATSON-CRICK    ? ? ? 
hydrog9  hydrog ? ? A DC 3  O2 ? ? ? 1_555 B DG 10 N2 ? ? A DC 3  B DG 22 1_555 ? ? ? ? ? ? WATSON-CRICK    ? ? ? 
hydrog10 hydrog ? ? A DA 4  N1 ? ? ? 1_555 B DT 9  N3 ? ? A DA 4  B DT 21 1_555 ? ? ? ? ? ? WATSON-CRICK    ? ? ? 
hydrog11 hydrog ? ? A DA 4  N6 ? ? ? 1_555 B DT 9  O4 ? ? A DA 4  B DT 21 1_555 ? ? ? ? ? ? WATSON-CRICK    ? ? ? 
hydrog12 hydrog ? ? A DA 5  N1 ? ? ? 1_555 B DT 8  N3 ? ? A DA 5  B DT 20 1_555 ? ? ? ? ? ? WATSON-CRICK    ? ? ? 
hydrog13 hydrog ? ? A DA 5  N6 ? ? ? 1_555 B DT 8  O4 ? ? A DA 5  B DT 20 1_555 ? ? ? ? ? ? WATSON-CRICK    ? ? ? 
hydrog14 hydrog ? ? A DA 6  N1 ? ? ? 1_555 B DT 7  N3 ? ? A DA 6  B DT 19 1_555 ? ? ? ? ? ? WATSON-CRICK    ? ? ? 
hydrog15 hydrog ? ? A DA 6  N6 ? ? ? 1_555 B DT 7  O4 ? ? A DA 6  B DT 19 1_555 ? ? ? ? ? ? WATSON-CRICK    ? ? ? 
hydrog16 hydrog ? ? A DT 7  N3 ? ? ? 1_555 B DA 6  N1 ? ? A DT 7  B DA 18 1_555 ? ? ? ? ? ? WATSON-CRICK    ? ? ? 
hydrog17 hydrog ? ? A DT 7  O4 ? ? ? 1_555 B DA 6  N6 ? ? A DT 7  B DA 18 1_555 ? ? ? ? ? ? WATSON-CRICK    ? ? ? 
hydrog18 hydrog ? ? A DT 8  N3 ? ? ? 1_555 B DA 5  N1 ? ? A DT 8  B DA 17 1_555 ? ? ? ? ? ? WATSON-CRICK    ? ? ? 
hydrog19 hydrog ? ? A DT 8  O4 ? ? ? 1_555 B DA 5  N6 ? ? A DT 8  B DA 17 1_555 ? ? ? ? ? ? WATSON-CRICK    ? ? ? 
hydrog20 hydrog ? ? A DT 9  N3 ? ? ? 1_555 B DA 4  N1 ? ? A DT 9  B DA 16 1_555 ? ? ? ? ? ? WATSON-CRICK    ? ? ? 
hydrog21 hydrog ? ? A DT 9  O4 ? ? ? 1_555 B DA 4  N6 ? ? A DT 9  B DA 16 1_555 ? ? ? ? ? ? WATSON-CRICK    ? ? ? 
hydrog22 hydrog ? ? A DG 10 N1 ? ? ? 1_555 B DC 3  N3 ? ? A DG 10 B DC 15 1_555 ? ? ? ? ? ? WATSON-CRICK    ? ? ? 
hydrog23 hydrog ? ? A DG 10 N2 ? ? ? 1_555 B DC 3  O2 ? ? A DG 10 B DC 15 1_555 ? ? ? ? ? ? WATSON-CRICK    ? ? ? 
hydrog24 hydrog ? ? A DG 10 O6 ? ? ? 1_555 B DC 3  N4 ? ? A DG 10 B DC 15 1_555 ? ? ? ? ? ? WATSON-CRICK    ? ? ? 
hydrog25 hydrog ? ? A DG 10 N2 ? ? ? 1_555 B DA 4  N1 ? ? A DG 10 B DA 16 1_555 ? ? ? ? ? ? 'DG-DA MISPAIR' ? ? ? 
hydrog26 hydrog ? ? A DC 11 N3 ? ? ? 1_555 B DG 2  N1 ? ? A DC 11 B DG 14 1_555 ? ? ? ? ? ? WATSON-CRICK    ? ? ? 
hydrog27 hydrog ? ? A DC 11 N4 ? ? ? 1_555 B DG 2  O6 ? ? A DC 11 B DG 14 1_555 ? ? ? ? ? ? WATSON-CRICK    ? ? ? 
hydrog28 hydrog ? ? A DC 11 O2 ? ? ? 1_555 B DG 2  N2 ? ? A DC 11 B DG 14 1_555 ? ? ? ? ? ? WATSON-CRICK    ? ? ? 
hydrog29 hydrog ? ? A DG 12 N1 ? ? ? 1_555 B DC 1  N3 ? ? A DG 12 B DC 13 1_555 ? ? ? ? ? ? WATSON-CRICK    ? ? ? 
hydrog30 hydrog ? ? A DG 12 N2 ? ? ? 1_555 B DC 1  O2 ? ? A DG 12 B DC 13 1_555 ? ? ? ? ? ? WATSON-CRICK    ? ? ? 
hydrog31 hydrog ? ? A DG 12 O6 ? ? ? 1_555 B DC 1  N4 ? ? A DG 12 B DC 13 1_555 ? ? ? ? ? ? WATSON-CRICK    ? ? ? 
# 
_struct_conn_type.id          hydrog 
_struct_conn_type.criteria    ? 
_struct_conn_type.reference   ? 
# 
loop_
_struct_site.id 
_struct_site.pdbx_evidence_code 
_struct_site.pdbx_auth_asym_id 
_struct_site.pdbx_auth_comp_id 
_struct_site.pdbx_auth_seq_id 
_struct_site.pdbx_auth_ins_code 
_struct_site.pdbx_num_residues 
_struct_site.details 
AC1 Software A DMY 25 ? 17 'BINDING SITE FOR RESIDUE DMY A 25' 
1   ?        ? ?   ?  ? ?  ?                                   
# 
loop_
_struct_site_gen.id 
_struct_site_gen.site_id 
_struct_site_gen.pdbx_num_res 
_struct_site_gen.label_comp_id 
_struct_site_gen.label_asym_id 
_struct_site_gen.label_seq_id 
_struct_site_gen.pdbx_auth_ins_code 
_struct_site_gen.auth_comp_id 
_struct_site_gen.auth_asym_id 
_struct_site_gen.auth_seq_id 
_struct_site_gen.label_atom_id 
_struct_site_gen.label_alt_id 
_struct_site_gen.symmetry 
_struct_site_gen.details 
1  AC1 17 DA  A 4  ? DA  A 4  . ? 1_555 ? 
2  AC1 17 DA  A 5  ? DA  A 5  . ? 1_555 ? 
3  AC1 17 DA  A 6  ? DA  A 6  . ? 1_555 ? 
4  AC1 17 DT  A 7  ? DT  A 7  . ? 1_555 ? 
5  AC1 17 DT  A 8  ? DT  A 8  . ? 1_555 ? 
6  AC1 17 DT  A 9  ? DT  A 9  . ? 1_555 ? 
7  AC1 17 DG  A 12 ? DG  A 12 . ? 2_665 ? 
8  AC1 17 HOH D .  ? HOH A 83 . ? 1_555 ? 
9  AC1 17 HOH D .  ? HOH A 93 . ? 1_555 ? 
10 AC1 17 HOH D .  ? HOH A 95 . ? 1_555 ? 
11 AC1 17 HOH D .  ? HOH A 98 . ? 1_555 ? 
12 AC1 17 DA  B 6  ? DA  B 18 . ? 1_555 ? 
13 AC1 17 DT  B 7  ? DT  B 19 . ? 1_555 ? 
14 AC1 17 DT  B 8  ? DT  B 20 . ? 1_555 ? 
15 AC1 17 DT  B 9  ? DT  B 21 . ? 1_555 ? 
16 AC1 17 DG  B 10 ? DG  B 22 . ? 1_555 ? 
17 AC1 17 DC  B 11 ? DC  B 23 . ? 1_555 ? 
# 
_pdbx_validate_symm_contact.id                1 
_pdbx_validate_symm_contact.PDB_model_num     1 
_pdbx_validate_symm_contact.auth_atom_id_1    "O3'" 
_pdbx_validate_symm_contact.auth_asym_id_1    A 
_pdbx_validate_symm_contact.auth_comp_id_1    DG 
_pdbx_validate_symm_contact.auth_seq_id_1     12 
_pdbx_validate_symm_contact.PDB_ins_code_1    ? 
_pdbx_validate_symm_contact.label_alt_id_1    ? 
_pdbx_validate_symm_contact.site_symmetry_1   1_555 
_pdbx_validate_symm_contact.auth_atom_id_2    N9 
_pdbx_validate_symm_contact.auth_asym_id_2    A 
_pdbx_validate_symm_contact.auth_comp_id_2    DMY 
_pdbx_validate_symm_contact.auth_seq_id_2     25 
_pdbx_validate_symm_contact.PDB_ins_code_2    ? 
_pdbx_validate_symm_contact.label_alt_id_2    ? 
_pdbx_validate_symm_contact.site_symmetry_2   2_664 
_pdbx_validate_symm_contact.dist              1.87 
# 
loop_
_pdbx_validate_rmsd_bond.id 
_pdbx_validate_rmsd_bond.PDB_model_num 
_pdbx_validate_rmsd_bond.auth_atom_id_1 
_pdbx_validate_rmsd_bond.auth_asym_id_1 
_pdbx_validate_rmsd_bond.auth_comp_id_1 
_pdbx_validate_rmsd_bond.auth_seq_id_1 
_pdbx_validate_rmsd_bond.PDB_ins_code_1 
_pdbx_validate_rmsd_bond.label_alt_id_1 
_pdbx_validate_rmsd_bond.auth_atom_id_2 
_pdbx_validate_rmsd_bond.auth_asym_id_2 
_pdbx_validate_rmsd_bond.auth_comp_id_2 
_pdbx_validate_rmsd_bond.auth_seq_id_2 
_pdbx_validate_rmsd_bond.PDB_ins_code_2 
_pdbx_validate_rmsd_bond.label_alt_id_2 
_pdbx_validate_rmsd_bond.bond_value 
_pdbx_validate_rmsd_bond.bond_target_value 
_pdbx_validate_rmsd_bond.bond_deviation 
_pdbx_validate_rmsd_bond.bond_standard_deviation 
_pdbx_validate_rmsd_bond.linker_flag 
1  1 "O3'" A DC 1  ? ? "C3'" A DC 1  ? ? 1.355 1.419 -0.064 0.006 N 
2  1 N1    A DC 1  ? ? C6    A DC 1  ? ? 1.324 1.367 -0.043 0.006 N 
3  1 P     A DG 2  ? ? OP1   A DG 2  ? ? 1.612 1.485 0.127  0.017 N 
4  1 "C4'" A DG 2  ? ? "C3'" A DG 2  ? ? 1.461 1.521 -0.060 0.010 N 
5  1 C2    A DG 2  ? ? N3    A DG 2  ? ? 1.383 1.323 0.060  0.008 N 
6  1 C5    A DG 2  ? ? N7    A DG 2  ? ? 1.328 1.388 -0.060 0.006 N 
7  1 N7    A DG 2  ? ? C8    A DG 2  ? ? 1.349 1.305 0.044  0.006 N 
8  1 "C3'" A DC 3  ? ? "C2'" A DC 3  ? ? 1.466 1.516 -0.050 0.008 N 
9  1 "O4'" A DC 3  ? ? "C4'" A DC 3  ? ? 1.369 1.446 -0.077 0.010 N 
10 1 N3    A DC 3  ? ? C4    A DC 3  ? ? 1.398 1.335 0.063  0.007 N 
11 1 "O3'" A DC 3  ? ? P     A DA 4  ? ? 1.687 1.607 0.080  0.012 Y 
12 1 "O5'" A DA 4  ? ? "C5'" A DA 4  ? ? 1.540 1.440 0.100  0.016 N 
13 1 N1    A DA 4  ? ? C2    A DA 4  ? ? 1.422 1.339 0.083  0.009 N 
14 1 N1    A DA 5  ? ? C2    A DA 5  ? ? 1.401 1.339 0.062  0.009 N 
15 1 N3    A DA 6  ? ? C4    A DA 6  ? ? 1.393 1.344 0.049  0.006 N 
16 1 C8    A DA 6  ? ? N9    A DA 6  ? ? 1.423 1.373 0.050  0.008 N 
17 1 N9    A DA 6  ? ? C4    A DA 6  ? ? 1.320 1.374 -0.054 0.006 N 
18 1 C6    A DA 6  ? ? N6    A DA 6  ? ? 1.385 1.335 0.050  0.008 N 
19 1 P     A DT 7  ? ? "O5'" A DT 7  ? ? 1.526 1.593 -0.067 0.010 N 
20 1 "O4'" A DT 7  ? ? "C1'" A DT 7  ? ? 1.531 1.420 0.111  0.011 N 
21 1 C4    A DT 7  ? ? O4    A DT 7  ? ? 1.290 1.228 0.062  0.009 N 
22 1 "O4'" A DT 8  ? ? "C1'" A DT 8  ? ? 1.502 1.420 0.082  0.011 N 
23 1 "O4'" A DT 8  ? ? "C4'" A DT 8  ? ? 1.373 1.446 -0.073 0.010 N 
24 1 C4    A DT 8  ? ? C5    A DT 8  ? ? 1.376 1.445 -0.069 0.009 N 
25 1 C2    A DT 8  ? ? O2    A DT 8  ? ? 1.281 1.220 0.061  0.008 N 
26 1 C4    A DT 8  ? ? O4    A DT 8  ? ? 1.296 1.228 0.068  0.009 N 
27 1 "O3'" A DT 8  ? ? P     A DT 9  ? ? 1.501 1.607 -0.106 0.012 Y 
28 1 "O3'" A DT 9  ? ? "C3'" A DT 9  ? ? 1.380 1.419 -0.039 0.006 N 
29 1 "O4'" A DG 10 ? ? "C4'" A DG 10 ? ? 1.376 1.446 -0.070 0.010 N 
30 1 P     A DC 11 ? ? "O5'" A DC 11 ? ? 1.702 1.593 0.109  0.010 N 
31 1 N3    A DC 11 ? ? C4    A DC 11 ? ? 1.399 1.335 0.064  0.007 N 
32 1 "O3'" A DC 11 ? ? P     A DG 12 ? ? 1.708 1.607 0.101  0.012 Y 
33 1 "O5'" B DC 13 ? ? "C5'" B DC 13 ? ? 1.566 1.440 0.126  0.016 N 
34 1 "C2'" B DC 13 ? ? "C1'" B DC 13 ? ? 1.451 1.518 -0.067 0.010 N 
35 1 "O4'" B DG 14 ? ? "C1'" B DG 14 ? ? 1.507 1.420 0.087  0.011 N 
36 1 C8    B DG 14 ? ? N9    B DG 14 ? ? 1.323 1.374 -0.051 0.007 N 
37 1 "O5'" B DC 15 ? ? "C5'" B DC 15 ? ? 1.569 1.440 0.129  0.016 N 
38 1 "O3'" B DC 15 ? ? "C3'" B DC 15 ? ? 1.362 1.419 -0.057 0.006 N 
39 1 N1    B DC 15 ? ? C6    B DC 15 ? ? 1.328 1.367 -0.039 0.006 N 
40 1 "O3'" B DC 15 ? ? P     B DA 16 ? ? 1.463 1.607 -0.144 0.012 Y 
41 1 C2    B DA 16 ? ? N3    B DA 16 ? ? 1.271 1.331 -0.060 0.009 N 
42 1 N9    B DA 16 ? ? C4    B DA 16 ? ? 1.332 1.374 -0.042 0.006 N 
43 1 "C4'" B DA 17 ? ? "C3'" B DA 17 ? ? 1.460 1.521 -0.061 0.010 N 
44 1 "O4'" B DA 17 ? ? "C1'" B DA 17 ? ? 1.494 1.420 0.074  0.011 N 
45 1 N1    B DA 17 ? ? C2    B DA 17 ? ? 1.438 1.339 0.099  0.009 N 
46 1 "O3'" B DA 17 ? ? P     B DA 18 ? ? 1.699 1.607 0.092  0.012 Y 
47 1 P     B DA 18 ? ? OP2   B DA 18 ? ? 1.363 1.485 -0.122 0.017 N 
48 1 P     B DA 18 ? ? "O5'" B DA 18 ? ? 1.689 1.593 0.096  0.010 N 
49 1 "O5'" B DA 18 ? ? "C5'" B DA 18 ? ? 1.538 1.440 0.098  0.016 N 
50 1 "O4'" B DA 18 ? ? "C4'" B DA 18 ? ? 1.356 1.446 -0.090 0.010 N 
51 1 N3    B DA 18 ? ? C4    B DA 18 ? ? 1.387 1.344 0.043  0.006 N 
52 1 "C2'" B DT 19 ? ? "C1'" B DT 19 ? ? 1.441 1.518 -0.077 0.010 N 
53 1 N1    B DT 19 ? ? C2    B DT 19 ? ? 1.426 1.376 0.050  0.008 N 
54 1 C2    B DT 19 ? ? N3    B DT 19 ? ? 1.315 1.373 -0.058 0.008 N 
55 1 C2    B DT 19 ? ? O2    B DT 19 ? ? 1.296 1.220 0.076  0.008 N 
56 1 "O3'" B DT 19 ? ? P     B DT 20 ? ? 1.716 1.607 0.109  0.012 Y 
57 1 "O4'" B DT 20 ? ? "C1'" B DT 20 ? ? 1.494 1.420 0.074  0.011 N 
58 1 P     B DT 21 ? ? "O5'" B DT 21 ? ? 1.702 1.593 0.109  0.010 N 
59 1 P     B DG 22 ? ? OP1   B DG 22 ? ? 1.608 1.485 0.123  0.017 N 
60 1 C2    B DG 22 ? ? N3    B DG 22 ? ? 1.270 1.323 -0.053 0.008 N 
61 1 C5    B DG 22 ? ? N7    B DG 22 ? ? 1.427 1.388 0.039  0.006 N 
62 1 "O3'" B DG 22 ? ? P     B DC 23 ? ? 1.711 1.607 0.104  0.012 Y 
63 1 N1    B DC 23 ? ? C6    B DC 23 ? ? 1.326 1.367 -0.041 0.006 N 
64 1 N1    B DG 24 ? ? C2    B DG 24 ? ? 1.316 1.373 -0.057 0.008 N 
65 1 N7    B DG 24 ? ? C8    B DG 24 ? ? 1.380 1.305 0.075  0.006 N 
66 1 C8    B DG 24 ? ? N9    B DG 24 ? ? 1.287 1.374 -0.087 0.007 N 
# 
loop_
_pdbx_validate_rmsd_angle.id 
_pdbx_validate_rmsd_angle.PDB_model_num 
_pdbx_validate_rmsd_angle.auth_atom_id_1 
_pdbx_validate_rmsd_angle.auth_asym_id_1 
_pdbx_validate_rmsd_angle.auth_comp_id_1 
_pdbx_validate_rmsd_angle.auth_seq_id_1 
_pdbx_validate_rmsd_angle.PDB_ins_code_1 
_pdbx_validate_rmsd_angle.label_alt_id_1 
_pdbx_validate_rmsd_angle.auth_atom_id_2 
_pdbx_validate_rmsd_angle.auth_asym_id_2 
_pdbx_validate_rmsd_angle.auth_comp_id_2 
_pdbx_validate_rmsd_angle.auth_seq_id_2 
_pdbx_validate_rmsd_angle.PDB_ins_code_2 
_pdbx_validate_rmsd_angle.label_alt_id_2 
_pdbx_validate_rmsd_angle.auth_atom_id_3 
_pdbx_validate_rmsd_angle.auth_asym_id_3 
_pdbx_validate_rmsd_angle.auth_comp_id_3 
_pdbx_validate_rmsd_angle.auth_seq_id_3 
_pdbx_validate_rmsd_angle.PDB_ins_code_3 
_pdbx_validate_rmsd_angle.label_alt_id_3 
_pdbx_validate_rmsd_angle.angle_value 
_pdbx_validate_rmsd_angle.angle_target_value 
_pdbx_validate_rmsd_angle.angle_deviation 
_pdbx_validate_rmsd_angle.angle_standard_deviation 
_pdbx_validate_rmsd_angle.linker_flag 
1   1 "C4'" A DC 1  ? ? "C3'" A DC 1  ? ? "C2'" A DC 1  ? ? 94.52  102.20 -7.68  0.70 N 
2   1 N3    A DC 1  ? ? C4    A DC 1  ? ? N4    A DC 1  ? ? 124.07 118.00 6.07   0.70 N 
3   1 C5    A DC 1  ? ? C4    A DC 1  ? ? N4    A DC 1  ? ? 115.87 120.20 -4.33  0.70 N 
4   1 "C3'" A DC 1  ? ? "O3'" A DC 1  ? ? P     A DG 2  ? ? 152.44 119.70 32.74  1.20 Y 
5   1 OP1   A DG 2  ? ? P     A DG 2  ? ? OP2   A DG 2  ? ? 106.53 119.60 -13.07 1.50 N 
6   1 "O4'" A DG 2  ? ? "C4'" A DG 2  ? ? "C3'" A DG 2  ? ? 101.96 104.50 -2.54  0.40 N 
7   1 "C1'" A DG 2  ? ? "O4'" A DG 2  ? ? "C4'" A DG 2  ? ? 117.13 110.30 6.83   0.70 N 
8   1 "O4'" A DG 2  ? ? "C1'" A DG 2  ? ? "C2'" A DG 2  ? ? 97.16  105.90 -8.74  0.80 N 
9   1 "O4'" A DG 2  ? ? "C1'" A DG 2  ? ? N9    A DG 2  ? ? 117.02 108.30 8.72   0.30 N 
10  1 C6    A DG 2  ? ? N1    A DG 2  ? ? C2    A DG 2  ? ? 119.71 125.10 -5.39  0.60 N 
11  1 C5    A DG 2  ? ? C6    A DG 2  ? ? N1    A DG 2  ? ? 116.31 111.50 4.81   0.50 N 
12  1 C8    A DG 2  ? ? N9    A DG 2  ? ? C4    A DG 2  ? ? 103.71 106.40 -2.69  0.40 N 
13  1 N9    A DG 2  ? ? C4    A DG 2  ? ? C5    A DG 2  ? ? 108.53 105.40 3.13   0.40 N 
14  1 N3    A DG 2  ? ? C2    A DG 2  ? ? N2    A DG 2  ? ? 113.57 119.90 -6.33  0.70 N 
15  1 N1    A DG 2  ? ? C6    A DG 2  ? ? O6    A DG 2  ? ? 116.26 119.90 -3.64  0.60 N 
16  1 "C3'" A DG 2  ? ? "O3'" A DG 2  ? ? P     A DC 3  ? ? 111.09 119.70 -8.61  1.20 Y 
17  1 "O4'" A DC 3  ? ? "C1'" A DC 3  ? ? "C2'" A DC 3  ? ? 101.02 105.90 -4.88  0.80 N 
18  1 "O4'" A DC 3  ? ? "C1'" A DC 3  ? ? N1    A DC 3  ? ? 112.06 108.30 3.76   0.30 N 
19  1 C5    A DC 3  ? ? C6    A DC 3  ? ? N1    A DC 3  ? ? 125.33 121.00 4.33   0.50 N 
20  1 "O4'" A DA 4  ? ? "C4'" A DA 4  ? ? "C3'" A DA 4  ? ? 100.32 104.50 -4.18  0.40 N 
21  1 "C4'" A DA 4  ? ? "C3'" A DA 4  ? ? "C2'" A DA 4  ? ? 93.02  102.20 -9.18  0.70 N 
22  1 "C3'" A DA 4  ? ? "C2'" A DA 4  ? ? "C1'" A DA 4  ? ? 92.50  102.40 -9.90  0.80 N 
23  1 "O4'" A DA 4  ? ? "C1'" A DA 4  ? ? N9    A DA 4  ? ? 118.90 108.30 10.60  0.30 N 
24  1 N1    A DA 4  ? ? C2    A DA 4  ? ? N3    A DA 4  ? ? 123.94 129.30 -5.36  0.50 N 
25  1 N1    A DA 4  ? ? C6    A DA 4  ? ? N6    A DA 4  ? ? 123.05 118.60 4.45   0.60 N 
26  1 "C3'" A DA 4  ? ? "O3'" A DA 4  ? ? P     A DA 5  ? ? 128.11 119.70 8.41   1.20 Y 
27  1 OP1   A DA 5  ? ? P     A DA 5  ? ? OP2   A DA 5  ? ? 106.03 119.60 -13.57 1.50 N 
28  1 "O5'" A DA 5  ? ? P     A DA 5  ? ? OP2   A DA 5  ? ? 127.10 110.70 16.40  1.20 N 
29  1 P     A DA 5  ? ? "O5'" A DA 5  ? ? "C5'" A DA 5  ? ? 111.14 120.90 -9.76  1.60 N 
30  1 "C4'" A DA 5  ? ? "C3'" A DA 5  ? ? "C2'" A DA 5  ? ? 95.42  102.20 -6.78  0.70 N 
31  1 "C3'" A DA 5  ? ? "C2'" A DA 5  ? ? "C1'" A DA 5  ? ? 94.86  102.40 -7.54  0.80 N 
32  1 "O4'" A DA 5  ? ? "C1'" A DA 5  ? ? N9    A DA 5  ? ? 116.29 108.30 7.99   0.30 N 
33  1 N1    A DA 5  ? ? C2    A DA 5  ? ? N3    A DA 5  ? ? 122.62 129.30 -6.68  0.50 N 
34  1 C2    A DA 5  ? ? N3    A DA 5  ? ? C4    A DA 5  ? ? 115.12 110.60 4.52   0.50 N 
35  1 "O3'" A DA 5  ? ? P     A DA 6  ? ? OP1   A DA 6  ? ? 117.61 110.50 7.11   1.10 Y 
36  1 OP1   A DA 6  ? ? P     A DA 6  ? ? OP2   A DA 6  ? ? 109.82 119.60 -9.78  1.50 N 
37  1 "O5'" A DA 6  ? ? "C5'" A DA 6  ? ? "C4'" A DA 6  ? ? 99.88  109.40 -9.52  0.80 N 
38  1 P     A DA 6  ? ? "O5'" A DA 6  ? ? "C5'" A DA 6  ? ? 109.88 120.90 -11.02 1.60 N 
39  1 "O4'" A DA 6  ? ? "C4'" A DA 6  ? ? "C3'" A DA 6  ? ? 100.03 104.50 -4.47  0.40 N 
40  1 "C5'" A DA 6  ? ? "C4'" A DA 6  ? ? "C3'" A DA 6  ? ? 123.35 115.70 7.65   1.20 N 
41  1 "C3'" A DA 6  ? ? "C2'" A DA 6  ? ? "C1'" A DA 6  ? ? 96.70  102.40 -5.70  0.80 N 
42  1 C6    A DA 6  ? ? N1    A DA 6  ? ? C2    A DA 6  ? ? 125.18 118.60 6.58   0.60 N 
43  1 C2    A DA 6  ? ? N3    A DA 6  ? ? C4    A DA 6  ? ? 107.43 110.60 -3.17  0.50 N 
44  1 C5    A DA 6  ? ? C6    A DA 6  ? ? N1    A DA 6  ? ? 113.62 117.70 -4.08  0.50 N 
45  1 N1    A DA 6  ? ? C6    A DA 6  ? ? N6    A DA 6  ? ? 125.75 118.60 7.15   0.60 N 
46  1 "C1'" A DT 7  ? ? "O4'" A DT 7  ? ? "C4'" A DT 7  ? ? 102.21 110.10 -7.89  1.00 N 
47  1 "O4'" A DT 7  ? ? "C1'" A DT 7  ? ? "C2'" A DT 7  ? ? 98.31  105.90 -7.59  0.80 N 
48  1 C6    A DT 7  ? ? N1    A DT 7  ? ? C2    A DT 7  ? ? 118.06 121.30 -3.24  0.50 N 
49  1 N1    A DT 7  ? ? C2    A DT 7  ? ? N3    A DT 7  ? ? 119.69 114.60 5.09   0.60 N 
50  1 C2    A DT 7  ? ? N3    A DT 7  ? ? C4    A DT 7  ? ? 121.53 127.20 -5.67  0.60 N 
51  1 N1    A DT 7  ? ? C2    A DT 7  ? ? O2    A DT 7  ? ? 115.38 123.10 -7.72  0.80 N 
52  1 C4    A DT 7  ? ? C5    A DT 7  ? ? C7    A DT 7  ? ? 124.25 119.00 5.25   0.60 N 
53  1 C6    A DT 7  ? ? C5    A DT 7  ? ? C7    A DT 7  ? ? 117.76 122.90 -5.14  0.60 N 
54  1 "C3'" A DT 7  ? ? "O3'" A DT 7  ? ? P     A DT 8  ? ? 111.48 119.70 -8.22  1.20 Y 
55  1 OP1   A DT 8  ? ? P     A DT 8  ? ? OP2   A DT 8  ? ? 109.45 119.60 -10.15 1.50 N 
56  1 N1    A DT 8  ? ? C2    A DT 8  ? ? N3    A DT 8  ? ? 119.32 114.60 4.72   0.60 N 
57  1 C2    A DT 8  ? ? N3    A DT 8  ? ? C4    A DT 8  ? ? 119.10 127.20 -8.10  0.60 N 
58  1 N3    A DT 8  ? ? C4    A DT 8  ? ? C5    A DT 8  ? ? 121.21 115.20 6.01   0.60 N 
59  1 N3    A DT 8  ? ? C2    A DT 8  ? ? O2    A DT 8  ? ? 113.96 122.30 -8.34  0.60 N 
60  1 N3    A DT 8  ? ? C4    A DT 8  ? ? O4    A DT 8  ? ? 112.61 119.90 -7.29  0.60 N 
61  1 C6    A DT 8  ? ? C5    A DT 8  ? ? C7    A DT 8  ? ? 119.23 122.90 -3.67  0.60 N 
62  1 "C3'" A DT 8  ? ? "O3'" A DT 8  ? ? P     A DT 9  ? ? 131.59 119.70 11.89  1.20 Y 
63  1 OP1   A DT 9  ? ? P     A DT 9  ? ? OP2   A DT 9  ? ? 106.79 119.60 -12.81 1.50 N 
64  1 "C5'" A DT 9  ? ? "C4'" A DT 9  ? ? "O4'" A DT 9  ? ? 116.92 109.80 7.12   1.10 N 
65  1 C2    A DT 9  ? ? N3    A DT 9  ? ? C4    A DT 9  ? ? 122.20 127.20 -5.00  0.60 N 
66  1 N3    A DT 9  ? ? C4    A DT 9  ? ? C5    A DT 9  ? ? 119.62 115.20 4.42   0.60 N 
67  1 "C3'" A DT 9  ? ? "O3'" A DT 9  ? ? P     A DG 10 ? ? 141.14 119.70 21.44  1.20 Y 
68  1 OP1   A DG 10 ? ? P     A DG 10 ? ? OP2   A DG 10 ? ? 105.85 119.60 -13.75 1.50 N 
69  1 "O5'" A DG 10 ? ? P     A DG 10 ? ? OP2   A DG 10 ? ? 120.26 110.70 9.56   1.20 N 
70  1 "C5'" A DG 10 ? ? "C4'" A DG 10 ? ? "O4'" A DG 10 ? ? 116.42 109.80 6.62   1.10 N 
71  1 "O4'" A DG 10 ? ? "C1'" A DG 10 ? ? N9    A DG 10 ? ? 112.44 108.30 4.14   0.30 N 
72  1 C6    A DG 10 ? ? N1    A DG 10 ? ? C2    A DG 10 ? ? 121.24 125.10 -3.86  0.60 N 
73  1 C5    A DG 10 ? ? C6    A DG 10 ? ? N1    A DG 10 ? ? 114.62 111.50 3.12   0.50 N 
74  1 C8    A DG 10 ? ? N9    A DG 10 ? ? C4    A DG 10 ? ? 103.95 106.40 -2.45  0.40 N 
75  1 "O5'" A DC 11 ? ? P     A DC 11 ? ? OP1   A DC 11 ? ? 97.87  105.70 -7.83  0.90 N 
76  1 "O5'" A DC 11 ? ? P     A DC 11 ? ? OP2   A DC 11 ? ? 120.28 110.70 9.58   1.20 N 
77  1 P     A DC 11 ? ? "O5'" A DC 11 ? ? "C5'" A DC 11 ? ? 108.17 120.90 -12.73 1.60 N 
78  1 "O4'" A DC 11 ? ? "C1'" A DC 11 ? ? N1    A DC 11 ? ? 113.62 108.30 5.32   0.30 N 
79  1 "C3'" A DC 11 ? ? "O3'" A DC 11 ? ? P     A DG 12 ? ? 105.54 119.70 -14.16 1.20 Y 
80  1 "O4'" A DG 12 ? ? "C1'" A DG 12 ? ? N9    A DG 12 ? ? 116.10 108.30 7.80   0.30 N 
81  1 C5    A DG 12 ? ? C6    A DG 12 ? ? N1    A DG 12 ? ? 115.00 111.50 3.50   0.50 N 
82  1 "O5'" B DC 13 ? ? "C5'" B DC 13 ? ? "C4'" B DC 13 ? ? 98.00  109.40 -11.40 0.80 N 
83  1 N3    B DC 13 ? ? C4    B DC 13 ? ? C5    B DC 13 ? ? 119.44 121.90 -2.46  0.40 N 
84  1 N3    B DC 13 ? ? C4    B DC 13 ? ? N4    B DC 13 ? ? 122.76 118.00 4.76   0.70 N 
85  1 OP1   B DG 14 ? ? P     B DG 14 ? ? OP2   B DG 14 ? ? 107.99 119.60 -11.61 1.50 N 
86  1 "O5'" B DG 14 ? ? P     B DG 14 ? ? OP2   B DG 14 ? ? 118.28 110.70 7.58   1.20 N 
87  1 "O4'" B DG 14 ? ? "C4'" B DG 14 ? ? "C3'" B DG 14 ? ? 101.77 104.50 -2.73  0.40 N 
88  1 C5    B DG 14 ? ? C6    B DG 14 ? ? N1    B DG 14 ? ? 114.72 111.50 3.22   0.50 N 
89  1 N1    B DG 14 ? ? C6    B DG 14 ? ? O6    B DG 14 ? ? 114.40 119.90 -5.50  0.60 N 
90  1 "O5'" B DC 15 ? ? P     B DC 15 ? ? OP2   B DC 15 ? ? 125.77 110.70 15.07  1.20 N 
91  1 "O5'" B DC 15 ? ? "C5'" B DC 15 ? ? "C4'" B DC 15 ? ? 96.35  109.40 -13.05 0.80 N 
92  1 P     B DC 15 ? ? "O5'" B DC 15 ? ? "C5'" B DC 15 ? ? 108.87 120.90 -12.03 1.60 N 
93  1 "O4'" B DC 15 ? ? "C4'" B DC 15 ? ? "C3'" B DC 15 ? ? 101.24 104.50 -3.26  0.40 N 
94  1 "C3'" B DC 15 ? ? "O3'" B DC 15 ? ? P     B DA 16 ? ? 146.74 119.70 27.04  1.20 Y 
95  1 OP1   B DA 16 ? ? P     B DA 16 ? ? OP2   B DA 16 ? ? 105.85 119.60 -13.75 1.50 N 
96  1 "O4'" B DA 16 ? ? "C1'" B DA 16 ? ? "C2'" B DA 16 ? ? 109.94 106.80 3.14   0.50 N 
97  1 "O4'" B DA 16 ? ? "C1'" B DA 16 ? ? N9    B DA 16 ? ? 113.49 108.30 5.19   0.30 N 
98  1 C6    B DA 16 ? ? N1    B DA 16 ? ? C2    B DA 16 ? ? 123.15 118.60 4.55   0.60 N 
99  1 C5    B DA 16 ? ? C6    B DA 16 ? ? N1    B DA 16 ? ? 113.58 117.70 -4.12  0.50 N 
100 1 N1    B DA 16 ? ? C6    B DA 16 ? ? N6    B DA 16 ? ? 124.24 118.60 5.64   0.60 N 
101 1 "C3'" B DA 16 ? ? "O3'" B DA 16 ? ? P     B DA 17 ? ? 128.18 119.70 8.48   1.20 Y 
102 1 "O5'" B DA 17 ? ? P     B DA 17 ? ? OP2   B DA 17 ? ? 124.16 110.70 13.46  1.20 N 
103 1 "O4'" B DA 17 ? ? "C4'" B DA 17 ? ? "C3'" B DA 17 ? ? 98.72  104.50 -5.78  0.40 N 
104 1 "C1'" B DA 17 ? ? "O4'" B DA 17 ? ? "C4'" B DA 17 ? ? 103.97 110.10 -6.13  1.00 N 
105 1 "C4'" B DA 17 ? ? "C3'" B DA 17 ? ? "C2'" B DA 17 ? ? 96.51  102.20 -5.69  0.70 N 
106 1 "C3'" B DA 17 ? ? "C2'" B DA 17 ? ? "C1'" B DA 17 ? ? 96.43  102.40 -5.97  0.80 N 
107 1 "O4'" B DA 17 ? ? "C1'" B DA 17 ? ? N9    B DA 17 ? ? 115.78 108.30 7.48   0.30 N 
108 1 N1    B DA 17 ? ? C2    B DA 17 ? ? N3    B DA 17 ? ? 124.49 129.30 -4.81  0.50 N 
109 1 "C3'" B DA 17 ? ? "O3'" B DA 17 ? ? P     B DA 18 ? ? 111.22 119.70 -8.48  1.20 Y 
110 1 "O5'" B DA 18 ? ? P     B DA 18 ? ? OP2   B DA 18 ? ? 128.92 110.70 18.22  1.20 N 
111 1 P     B DA 18 ? ? "O5'" B DA 18 ? ? "C5'" B DA 18 ? ? 100.18 120.90 -20.72 1.60 N 
112 1 "C1'" B DA 18 ? ? "O4'" B DA 18 ? ? "C4'" B DA 18 ? ? 116.35 110.30 6.05   0.70 N 
113 1 "C4'" B DA 18 ? ? "C3'" B DA 18 ? ? "C2'" B DA 18 ? ? 96.68  102.20 -5.52  0.70 N 
114 1 "O4'" B DA 18 ? ? "C1'" B DA 18 ? ? "C2'" B DA 18 ? ? 98.04  105.90 -7.86  0.80 N 
115 1 "O4'" B DA 18 ? ? "C1'" B DA 18 ? ? N9    B DA 18 ? ? 111.47 108.30 3.17   0.30 N 
116 1 "O5'" B DT 19 ? ? P     B DT 19 ? ? OP2   B DT 19 ? ? 119.42 110.70 8.72   1.20 N 
117 1 "O4'" B DT 19 ? ? "C4'" B DT 19 ? ? "C3'" B DT 19 ? ? 96.66  104.50 -7.84  0.40 N 
118 1 "C1'" B DT 19 ? ? "O4'" B DT 19 ? ? "C4'" B DT 19 ? ? 100.83 110.10 -9.27  1.00 N 
119 1 "O4'" B DT 19 ? ? "C1'" B DT 19 ? ? N1    B DT 19 ? ? 110.90 108.30 2.60   0.30 N 
120 1 N3    B DT 19 ? ? C4    B DT 19 ? ? C5    B DT 19 ? ? 120.71 115.20 5.51   0.60 N 
121 1 "C3'" B DT 19 ? ? "O3'" B DT 19 ? ? P     B DT 20 ? ? 108.00 119.70 -11.70 1.20 Y 
122 1 "O5'" B DT 20 ? ? P     B DT 20 ? ? OP2   B DT 20 ? ? 122.97 110.70 12.27  1.20 N 
123 1 C2    B DT 20 ? ? N3    B DT 20 ? ? C4    B DT 20 ? ? 122.34 127.20 -4.86  0.60 N 
124 1 N3    B DT 20 ? ? C4    B DT 20 ? ? C5    B DT 20 ? ? 119.41 115.20 4.21   0.60 N 
125 1 N1    B DT 20 ? ? C2    B DT 20 ? ? O2    B DT 20 ? ? 117.44 123.10 -5.66  0.80 N 
126 1 C5    B DT 20 ? ? C4    B DT 20 ? ? O4    B DT 20 ? ? 119.23 124.90 -5.67  0.70 N 
127 1 "C3'" B DT 20 ? ? "O3'" B DT 20 ? ? P     B DT 21 ? ? 131.61 119.70 11.91  1.20 Y 
128 1 "O3'" B DT 20 ? ? P     B DT 21 ? ? OP1   B DT 21 ? ? 121.62 110.50 11.12  1.10 Y 
129 1 P     B DT 21 ? ? "O5'" B DT 21 ? ? "C5'" B DT 21 ? ? 110.43 120.90 -10.47 1.60 N 
130 1 "O4'" B DT 21 ? ? "C1'" B DT 21 ? ? N1    B DT 21 ? ? 110.54 108.30 2.24   0.30 N 
131 1 N1    B DT 21 ? ? C2    B DT 21 ? ? N3    B DT 21 ? ? 118.38 114.60 3.78   0.60 N 
132 1 C2    B DT 21 ? ? N3    B DT 21 ? ? C4    B DT 21 ? ? 120.76 127.20 -6.44  0.60 N 
133 1 N3    B DT 21 ? ? C4    B DT 21 ? ? C5    B DT 21 ? ? 119.91 115.20 4.71   0.60 N 
134 1 C4    B DT 21 ? ? C5    B DT 21 ? ? C7    B DT 21 ? ? 123.50 119.00 4.50   0.60 N 
135 1 C6    B DT 21 ? ? C5    B DT 21 ? ? C7    B DT 21 ? ? 118.44 122.90 -4.46  0.60 N 
136 1 "C3'" B DT 21 ? ? "O3'" B DT 21 ? ? P     B DG 22 ? ? 130.60 119.70 10.90  1.20 Y 
137 1 "O5'" B DG 22 ? ? P     B DG 22 ? ? OP2   B DG 22 ? ? 122.53 110.70 11.83  1.20 N 
138 1 "O4'" B DG 22 ? ? "C4'" B DG 22 ? ? "C3'" B DG 22 ? ? 101.87 104.50 -2.63  0.40 N 
139 1 "C4'" B DG 22 ? ? "C3'" B DG 22 ? ? "C2'" B DG 22 ? ? 96.40  102.20 -5.80  0.70 N 
140 1 "C3'" B DG 22 ? ? "C2'" B DG 22 ? ? "C1'" B DG 22 ? ? 92.35  102.40 -10.05 0.80 N 
141 1 "O4'" B DG 22 ? ? "C1'" B DG 22 ? ? N9    B DG 22 ? ? 120.93 108.30 12.63  0.30 N 
142 1 C6    B DG 22 ? ? N1    B DG 22 ? ? C2    B DG 22 ? ? 120.92 125.10 -4.18  0.60 N 
143 1 N1    B DG 22 ? ? C2    B DG 22 ? ? N2    B DG 22 ? ? 103.59 116.20 -12.61 0.90 N 
144 1 N3    B DG 22 ? ? C2    B DG 22 ? ? N2    B DG 22 ? ? 129.90 119.90 10.00  0.70 N 
145 1 N1    B DG 22 ? ? C6    B DG 22 ? ? O6    B DG 22 ? ? 109.71 119.90 -10.19 0.60 N 
146 1 C5    B DG 22 ? ? C6    B DG 22 ? ? O6    B DG 22 ? ? 137.00 128.60 8.40   0.60 N 
147 1 "O5'" B DC 23 ? ? P     B DC 23 ? ? OP2   B DC 23 ? ? 120.37 110.70 9.67   1.20 N 
148 1 "C4'" B DC 23 ? ? "C3'" B DC 23 ? ? "C2'" B DC 23 ? ? 95.45  102.20 -6.75  0.70 N 
149 1 "O4'" B DC 23 ? ? "C1'" B DC 23 ? ? N1    B DC 23 ? ? 120.74 108.30 12.44  0.30 N 
150 1 C6    B DC 23 ? ? N1    B DC 23 ? ? C2    B DC 23 ? ? 117.67 120.30 -2.63  0.40 N 
151 1 C5    B DC 23 ? ? C6    B DC 23 ? ? N1    B DC 23 ? ? 125.10 121.00 4.10   0.50 N 
152 1 N3    B DC 23 ? ? C4    B DC 23 ? ? N4    B DC 23 ? ? 122.21 118.00 4.21   0.70 N 
153 1 "O3'" B DC 23 ? ? P     B DG 24 ? ? OP1   B DG 24 ? ? 119.58 110.50 9.08   1.10 Y 
154 1 OP1   B DG 24 ? ? P     B DG 24 ? ? OP2   B DG 24 ? ? 109.50 119.60 -10.10 1.50 N 
155 1 "O5'" B DG 24 ? ? "C5'" B DG 24 ? ? "C4'" B DG 24 ? ? 100.60 109.40 -8.80  0.80 N 
156 1 P     B DG 24 ? ? "O5'" B DG 24 ? ? "C5'" B DG 24 ? ? 108.78 120.90 -12.12 1.60 N 
157 1 "O4'" B DG 24 ? ? "C1'" B DG 24 ? ? N9    B DG 24 ? ? 115.23 108.30 6.93   0.30 N 
158 1 C5    B DG 24 ? ? C6    B DG 24 ? ? N1    B DG 24 ? ? 114.96 111.50 3.46   0.50 N 
159 1 N3    B DG 24 ? ? C2    B DG 24 ? ? N2    B DG 24 ? ? 114.15 119.90 -5.75  0.70 N 
160 1 C5    B DG 24 ? ? C6    B DG 24 ? ? O6    B DG 24 ? ? 123.24 128.60 -5.36  0.60 N 
# 
_struct_site_keywords.site_id   1 
_struct_site_keywords.text      'MINOR GROOVE BINDER' 
# 
loop_
_refine_B_iso.class 
_refine_B_iso.details 
_refine_B_iso.treatment 
_refine_B_iso.pdbx_refine_id 
'ALL ATOMS'  TR isotropic 'X-RAY DIFFRACTION' 
'ALL WATERS' TR isotropic 'X-RAY DIFFRACTION' 
# 
loop_
_refine_occupancy.class 
_refine_occupancy.treatment 
_refine_occupancy.pdbx_refine_id 
'ALL ATOMS'  fix 'X-RAY DIFFRACTION' 
'ALL WATERS' fix 'X-RAY DIFFRACTION' 
# 
loop_
_chem_comp_atom.comp_id 
_chem_comp_atom.atom_id 
_chem_comp_atom.type_symbol 
_chem_comp_atom.pdbx_aromatic_flag 
_chem_comp_atom.pdbx_stereo_config 
_chem_comp_atom.pdbx_ordinal 
DA  OP3    O N N 1   
DA  P      P N N 2   
DA  OP1    O N N 3   
DA  OP2    O N N 4   
DA  "O5'"  O N N 5   
DA  "C5'"  C N N 6   
DA  "C4'"  C N R 7   
DA  "O4'"  O N N 8   
DA  "C3'"  C N S 9   
DA  "O3'"  O N N 10  
DA  "C2'"  C N N 11  
DA  "C1'"  C N R 12  
DA  N9     N Y N 13  
DA  C8     C Y N 14  
DA  N7     N Y N 15  
DA  C5     C Y N 16  
DA  C6     C Y N 17  
DA  N6     N N N 18  
DA  N1     N Y N 19  
DA  C2     C Y N 20  
DA  N3     N Y N 21  
DA  C4     C Y N 22  
DA  HOP3   H N N 23  
DA  HOP2   H N N 24  
DA  "H5'"  H N N 25  
DA  "H5''" H N N 26  
DA  "H4'"  H N N 27  
DA  "H3'"  H N N 28  
DA  "HO3'" H N N 29  
DA  "H2'"  H N N 30  
DA  "H2''" H N N 31  
DA  "H1'"  H N N 32  
DA  H8     H N N 33  
DA  H61    H N N 34  
DA  H62    H N N 35  
DA  H2     H N N 36  
DC  OP3    O N N 37  
DC  P      P N N 38  
DC  OP1    O N N 39  
DC  OP2    O N N 40  
DC  "O5'"  O N N 41  
DC  "C5'"  C N N 42  
DC  "C4'"  C N R 43  
DC  "O4'"  O N N 44  
DC  "C3'"  C N S 45  
DC  "O3'"  O N N 46  
DC  "C2'"  C N N 47  
DC  "C1'"  C N R 48  
DC  N1     N N N 49  
DC  C2     C N N 50  
DC  O2     O N N 51  
DC  N3     N N N 52  
DC  C4     C N N 53  
DC  N4     N N N 54  
DC  C5     C N N 55  
DC  C6     C N N 56  
DC  HOP3   H N N 57  
DC  HOP2   H N N 58  
DC  "H5'"  H N N 59  
DC  "H5''" H N N 60  
DC  "H4'"  H N N 61  
DC  "H3'"  H N N 62  
DC  "HO3'" H N N 63  
DC  "H2'"  H N N 64  
DC  "H2''" H N N 65  
DC  "H1'"  H N N 66  
DC  H41    H N N 67  
DC  H42    H N N 68  
DC  H5     H N N 69  
DC  H6     H N N 70  
DG  OP3    O N N 71  
DG  P      P N N 72  
DG  OP1    O N N 73  
DG  OP2    O N N 74  
DG  "O5'"  O N N 75  
DG  "C5'"  C N N 76  
DG  "C4'"  C N R 77  
DG  "O4'"  O N N 78  
DG  "C3'"  C N S 79  
DG  "O3'"  O N N 80  
DG  "C2'"  C N N 81  
DG  "C1'"  C N R 82  
DG  N9     N Y N 83  
DG  C8     C Y N 84  
DG  N7     N Y N 85  
DG  C5     C Y N 86  
DG  C6     C N N 87  
DG  O6     O N N 88  
DG  N1     N N N 89  
DG  C2     C N N 90  
DG  N2     N N N 91  
DG  N3     N N N 92  
DG  C4     C Y N 93  
DG  HOP3   H N N 94  
DG  HOP2   H N N 95  
DG  "H5'"  H N N 96  
DG  "H5''" H N N 97  
DG  "H4'"  H N N 98  
DG  "H3'"  H N N 99  
DG  "HO3'" H N N 100 
DG  "H2'"  H N N 101 
DG  "H2''" H N N 102 
DG  "H1'"  H N N 103 
DG  H8     H N N 104 
DG  H1     H N N 105 
DG  H21    H N N 106 
DG  H22    H N N 107 
DMY C1     C N N 108 
DMY O1     O N N 109 
DMY N1     N N N 110 
DMY C2     C Y N 111 
DMY C3     C Y N 112 
DMY C4     C Y N 113 
DMY N2     N Y N 114 
DMY C5     C Y N 115 
DMY C6     C N N 116 
DMY C7     C N N 117 
DMY O2     O N N 118 
DMY N3     N N N 119 
DMY C8     C Y N 120 
DMY C9     C Y N 121 
DMY C10    C Y N 122 
DMY N4     N Y N 123 
DMY C11    C Y N 124 
DMY C12    C N N 125 
DMY C13    C N N 126 
DMY O3     O N N 127 
DMY N5     N N N 128 
DMY C14    C Y N 129 
DMY C15    C Y N 130 
DMY C16    C Y N 131 
DMY N6     N Y N 132 
DMY C17    C Y N 133 
DMY C18    C N N 134 
DMY C19    C N N 135 
DMY O4     O N N 136 
DMY N7     N N N 137 
DMY C20    C N N 138 
DMY C21    C N N 139 
DMY C22    C N N 140 
DMY N8     N N N 141 
DMY N9     N N N 142 
DMY H1     H N N 143 
DMY HN1    H N N 144 
DMY H3     H N N 145 
DMY H5     H N N 146 
DMY H61    H N N 147 
DMY H62    H N N 148 
DMY H63    H N N 149 
DMY HN3    H N N 150 
DMY H9     H N N 151 
DMY H11    H N N 152 
DMY H121   H N N 153 
DMY H122   H N N 154 
DMY H123   H N N 155 
DMY HN5    H N N 156 
DMY H15    H N N 157 
DMY H17    H N N 158 
DMY H181   H N N 159 
DMY H182   H N N 160 
DMY H183   H N N 161 
DMY HN7    H N N 162 
DMY H201   H N N 163 
DMY H202   H N N 164 
DMY H211   H N N 165 
DMY H212   H N N 166 
DMY HN8    H N N 167 
DMY HN91   H N N 168 
DMY HN92   H N N 169 
DT  OP3    O N N 170 
DT  P      P N N 171 
DT  OP1    O N N 172 
DT  OP2    O N N 173 
DT  "O5'"  O N N 174 
DT  "C5'"  C N N 175 
DT  "C4'"  C N R 176 
DT  "O4'"  O N N 177 
DT  "C3'"  C N S 178 
DT  "O3'"  O N N 179 
DT  "C2'"  C N N 180 
DT  "C1'"  C N R 181 
DT  N1     N N N 182 
DT  C2     C N N 183 
DT  O2     O N N 184 
DT  N3     N N N 185 
DT  C4     C N N 186 
DT  O4     O N N 187 
DT  C5     C N N 188 
DT  C7     C N N 189 
DT  C6     C N N 190 
DT  HOP3   H N N 191 
DT  HOP2   H N N 192 
DT  "H5'"  H N N 193 
DT  "H5''" H N N 194 
DT  "H4'"  H N N 195 
DT  "H3'"  H N N 196 
DT  "HO3'" H N N 197 
DT  "H2'"  H N N 198 
DT  "H2''" H N N 199 
DT  "H1'"  H N N 200 
DT  H3     H N N 201 
DT  H71    H N N 202 
DT  H72    H N N 203 
DT  H73    H N N 204 
DT  H6     H N N 205 
HOH O      O N N 206 
HOH H1     H N N 207 
HOH H2     H N N 208 
# 
loop_
_chem_comp_bond.comp_id 
_chem_comp_bond.atom_id_1 
_chem_comp_bond.atom_id_2 
_chem_comp_bond.value_order 
_chem_comp_bond.pdbx_aromatic_flag 
_chem_comp_bond.pdbx_stereo_config 
_chem_comp_bond.pdbx_ordinal 
DA  OP3   P      sing N N 1   
DA  OP3   HOP3   sing N N 2   
DA  P     OP1    doub N N 3   
DA  P     OP2    sing N N 4   
DA  P     "O5'"  sing N N 5   
DA  OP2   HOP2   sing N N 6   
DA  "O5'" "C5'"  sing N N 7   
DA  "C5'" "C4'"  sing N N 8   
DA  "C5'" "H5'"  sing N N 9   
DA  "C5'" "H5''" sing N N 10  
DA  "C4'" "O4'"  sing N N 11  
DA  "C4'" "C3'"  sing N N 12  
DA  "C4'" "H4'"  sing N N 13  
DA  "O4'" "C1'"  sing N N 14  
DA  "C3'" "O3'"  sing N N 15  
DA  "C3'" "C2'"  sing N N 16  
DA  "C3'" "H3'"  sing N N 17  
DA  "O3'" "HO3'" sing N N 18  
DA  "C2'" "C1'"  sing N N 19  
DA  "C2'" "H2'"  sing N N 20  
DA  "C2'" "H2''" sing N N 21  
DA  "C1'" N9     sing N N 22  
DA  "C1'" "H1'"  sing N N 23  
DA  N9    C8     sing Y N 24  
DA  N9    C4     sing Y N 25  
DA  C8    N7     doub Y N 26  
DA  C8    H8     sing N N 27  
DA  N7    C5     sing Y N 28  
DA  C5    C6     sing Y N 29  
DA  C5    C4     doub Y N 30  
DA  C6    N6     sing N N 31  
DA  C6    N1     doub Y N 32  
DA  N6    H61    sing N N 33  
DA  N6    H62    sing N N 34  
DA  N1    C2     sing Y N 35  
DA  C2    N3     doub Y N 36  
DA  C2    H2     sing N N 37  
DA  N3    C4     sing Y N 38  
DC  OP3   P      sing N N 39  
DC  OP3   HOP3   sing N N 40  
DC  P     OP1    doub N N 41  
DC  P     OP2    sing N N 42  
DC  P     "O5'"  sing N N 43  
DC  OP2   HOP2   sing N N 44  
DC  "O5'" "C5'"  sing N N 45  
DC  "C5'" "C4'"  sing N N 46  
DC  "C5'" "H5'"  sing N N 47  
DC  "C5'" "H5''" sing N N 48  
DC  "C4'" "O4'"  sing N N 49  
DC  "C4'" "C3'"  sing N N 50  
DC  "C4'" "H4'"  sing N N 51  
DC  "O4'" "C1'"  sing N N 52  
DC  "C3'" "O3'"  sing N N 53  
DC  "C3'" "C2'"  sing N N 54  
DC  "C3'" "H3'"  sing N N 55  
DC  "O3'" "HO3'" sing N N 56  
DC  "C2'" "C1'"  sing N N 57  
DC  "C2'" "H2'"  sing N N 58  
DC  "C2'" "H2''" sing N N 59  
DC  "C1'" N1     sing N N 60  
DC  "C1'" "H1'"  sing N N 61  
DC  N1    C2     sing N N 62  
DC  N1    C6     sing N N 63  
DC  C2    O2     doub N N 64  
DC  C2    N3     sing N N 65  
DC  N3    C4     doub N N 66  
DC  C4    N4     sing N N 67  
DC  C4    C5     sing N N 68  
DC  N4    H41    sing N N 69  
DC  N4    H42    sing N N 70  
DC  C5    C6     doub N N 71  
DC  C5    H5     sing N N 72  
DC  C6    H6     sing N N 73  
DG  OP3   P      sing N N 74  
DG  OP3   HOP3   sing N N 75  
DG  P     OP1    doub N N 76  
DG  P     OP2    sing N N 77  
DG  P     "O5'"  sing N N 78  
DG  OP2   HOP2   sing N N 79  
DG  "O5'" "C5'"  sing N N 80  
DG  "C5'" "C4'"  sing N N 81  
DG  "C5'" "H5'"  sing N N 82  
DG  "C5'" "H5''" sing N N 83  
DG  "C4'" "O4'"  sing N N 84  
DG  "C4'" "C3'"  sing N N 85  
DG  "C4'" "H4'"  sing N N 86  
DG  "O4'" "C1'"  sing N N 87  
DG  "C3'" "O3'"  sing N N 88  
DG  "C3'" "C2'"  sing N N 89  
DG  "C3'" "H3'"  sing N N 90  
DG  "O3'" "HO3'" sing N N 91  
DG  "C2'" "C1'"  sing N N 92  
DG  "C2'" "H2'"  sing N N 93  
DG  "C2'" "H2''" sing N N 94  
DG  "C1'" N9     sing N N 95  
DG  "C1'" "H1'"  sing N N 96  
DG  N9    C8     sing Y N 97  
DG  N9    C4     sing Y N 98  
DG  C8    N7     doub Y N 99  
DG  C8    H8     sing N N 100 
DG  N7    C5     sing Y N 101 
DG  C5    C6     sing N N 102 
DG  C5    C4     doub Y N 103 
DG  C6    O6     doub N N 104 
DG  C6    N1     sing N N 105 
DG  N1    C2     sing N N 106 
DG  N1    H1     sing N N 107 
DG  C2    N2     sing N N 108 
DG  C2    N3     doub N N 109 
DG  N2    H21    sing N N 110 
DG  N2    H22    sing N N 111 
DG  N3    C4     sing N N 112 
DMY C1    O1     doub N N 113 
DMY C1    N1     sing N N 114 
DMY C1    H1     sing N N 115 
DMY N1    C2     sing N N 116 
DMY N1    HN1    sing N N 117 
DMY C2    C3     sing Y N 118 
DMY C2    C5     doub Y N 119 
DMY C3    C4     doub Y N 120 
DMY C3    H3     sing N N 121 
DMY C4    N2     sing Y N 122 
DMY C4    C7     sing N N 123 
DMY N2    C5     sing Y N 124 
DMY N2    C6     sing N N 125 
DMY C5    H5     sing N N 126 
DMY C6    H61    sing N N 127 
DMY C6    H62    sing N N 128 
DMY C6    H63    sing N N 129 
DMY C7    O2     doub N N 130 
DMY C7    N3     sing N N 131 
DMY N3    C8     sing N N 132 
DMY N3    HN3    sing N N 133 
DMY C8    C9     sing Y N 134 
DMY C8    C11    doub Y N 135 
DMY C9    C10    doub Y N 136 
DMY C9    H9     sing N N 137 
DMY C10   N4     sing Y N 138 
DMY C10   C13    sing N N 139 
DMY N4    C11    sing Y N 140 
DMY N4    C12    sing N N 141 
DMY C11   H11    sing N N 142 
DMY C12   H121   sing N N 143 
DMY C12   H122   sing N N 144 
DMY C12   H123   sing N N 145 
DMY C13   O3     doub N N 146 
DMY C13   N5     sing N N 147 
DMY N5    C14    sing N N 148 
DMY N5    HN5    sing N N 149 
DMY C14   C15    sing Y N 150 
DMY C14   C17    doub Y N 151 
DMY C15   C16    doub Y N 152 
DMY C15   H15    sing N N 153 
DMY C16   N6     sing Y N 154 
DMY C16   C19    sing N N 155 
DMY N6    C17    sing Y N 156 
DMY N6    C18    sing N N 157 
DMY C17   H17    sing N N 158 
DMY C18   H181   sing N N 159 
DMY C18   H182   sing N N 160 
DMY C18   H183   sing N N 161 
DMY C19   O4     doub N N 162 
DMY C19   N7     sing N N 163 
DMY N7    C20    sing N N 164 
DMY N7    HN7    sing N N 165 
DMY C20   C21    sing N N 166 
DMY C20   H201   sing N N 167 
DMY C20   H202   sing N N 168 
DMY C21   C22    sing N N 169 
DMY C21   H211   sing N N 170 
DMY C21   H212   sing N N 171 
DMY C22   N8     doub N N 172 
DMY C22   N9     sing N N 173 
DMY N8    HN8    sing N N 174 
DMY N9    HN91   sing N N 175 
DMY N9    HN92   sing N N 176 
DT  OP3   P      sing N N 177 
DT  OP3   HOP3   sing N N 178 
DT  P     OP1    doub N N 179 
DT  P     OP2    sing N N 180 
DT  P     "O5'"  sing N N 181 
DT  OP2   HOP2   sing N N 182 
DT  "O5'" "C5'"  sing N N 183 
DT  "C5'" "C4'"  sing N N 184 
DT  "C5'" "H5'"  sing N N 185 
DT  "C5'" "H5''" sing N N 186 
DT  "C4'" "O4'"  sing N N 187 
DT  "C4'" "C3'"  sing N N 188 
DT  "C4'" "H4'"  sing N N 189 
DT  "O4'" "C1'"  sing N N 190 
DT  "C3'" "O3'"  sing N N 191 
DT  "C3'" "C2'"  sing N N 192 
DT  "C3'" "H3'"  sing N N 193 
DT  "O3'" "HO3'" sing N N 194 
DT  "C2'" "C1'"  sing N N 195 
DT  "C2'" "H2'"  sing N N 196 
DT  "C2'" "H2''" sing N N 197 
DT  "C1'" N1     sing N N 198 
DT  "C1'" "H1'"  sing N N 199 
DT  N1    C2     sing N N 200 
DT  N1    C6     sing N N 201 
DT  C2    O2     doub N N 202 
DT  C2    N3     sing N N 203 
DT  N3    C4     sing N N 204 
DT  N3    H3     sing N N 205 
DT  C4    O4     doub N N 206 
DT  C4    C5     sing N N 207 
DT  C5    C7     sing N N 208 
DT  C5    C6     doub N N 209 
DT  C7    H71    sing N N 210 
DT  C7    H72    sing N N 211 
DT  C7    H73    sing N N 212 
DT  C6    H6     sing N N 213 
HOH O     H1     sing N N 214 
HOH O     H2     sing N N 215 
# 
loop_
_ndb_struct_conf_na.entry_id 
_ndb_struct_conf_na.feature 
2DND 'double helix'        
2DND 'b-form double helix' 
# 
loop_
_ndb_struct_na_base_pair.model_number 
_ndb_struct_na_base_pair.i_label_asym_id 
_ndb_struct_na_base_pair.i_label_comp_id 
_ndb_struct_na_base_pair.i_label_seq_id 
_ndb_struct_na_base_pair.i_symmetry 
_ndb_struct_na_base_pair.j_label_asym_id 
_ndb_struct_na_base_pair.j_label_comp_id 
_ndb_struct_na_base_pair.j_label_seq_id 
_ndb_struct_na_base_pair.j_symmetry 
_ndb_struct_na_base_pair.shear 
_ndb_struct_na_base_pair.stretch 
_ndb_struct_na_base_pair.stagger 
_ndb_struct_na_base_pair.buckle 
_ndb_struct_na_base_pair.propeller 
_ndb_struct_na_base_pair.opening 
_ndb_struct_na_base_pair.pair_number 
_ndb_struct_na_base_pair.pair_name 
_ndb_struct_na_base_pair.i_auth_asym_id 
_ndb_struct_na_base_pair.i_auth_seq_id 
_ndb_struct_na_base_pair.i_PDB_ins_code 
_ndb_struct_na_base_pair.j_auth_asym_id 
_ndb_struct_na_base_pair.j_auth_seq_id 
_ndb_struct_na_base_pair.j_PDB_ins_code 
_ndb_struct_na_base_pair.hbond_type_28 
_ndb_struct_na_base_pair.hbond_type_12 
1 A DC 1  1_555 B DG 12 1_555 -0.229 -0.167 0.015  10.227  -7.845  -3.545  1  A_DC1:DG24_B  A 1  ? B 24 ? 19 1 
1 A DG 2  1_555 B DC 11 1_555 0.061  -0.123 0.616  7.601   -14.501 0.964   2  A_DG2:DC23_B  A 2  ? B 23 ? 19 1 
1 A DC 3  1_555 B DG 10 1_555 -0.523 -0.055 -0.014 4.027   -17.931 -0.630  3  A_DC3:DG22_B  A 3  ? B 22 ? 19 1 
1 A DA 4  1_555 B DT 9  1_555 0.279  -0.148 0.246  12.897  -14.445 -12.269 4  A_DA4:DT21_B  A 4  ? B 21 ? 20 1 
1 A DA 5  1_555 B DT 8  1_555 0.437  -0.157 0.522  -0.139  -16.378 -7.574  5  A_DA5:DT20_B  A 5  ? B 20 ? 20 1 
1 A DA 6  1_555 B DT 7  1_555 -0.059 -0.233 -0.096 4.188   -20.847 -4.185  6  A_DA6:DT19_B  A 6  ? B 19 ? 20 1 
1 A DT 7  1_555 B DA 6  1_555 0.148  -0.020 -0.145 -9.297  -19.782 3.661   7  A_DT7:DA18_B  A 7  ? B 18 ? 20 1 
1 A DT 8  1_555 B DA 5  1_555 -0.427 0.024  -0.080 -9.719  -17.144 -4.374  8  A_DT8:DA17_B  A 8  ? B 17 ? 20 1 
1 A DT 9  1_555 B DA 4  1_555 -0.278 -0.218 -0.320 -12.603 -23.752 -1.204  9  A_DT9:DA16_B  A 9  ? B 16 ? 20 1 
1 A DG 10 1_555 B DC 3  1_555 0.034  -0.054 0.426  15.237  -4.584  0.055   10 A_DG10:DC15_B A 10 ? B 15 ? 19 1 
1 A DC 11 1_555 B DG 2  1_555 -0.183 -0.033 0.773  -6.075  -10.095 -2.364  11 A_DC11:DG14_B A 11 ? B 14 ? 19 1 
1 A DG 12 1_555 B DC 1  1_555 -0.126 -0.166 -0.209 0.219   -14.315 -1.323  12 A_DG12:DC13_B A 12 ? B 13 ? 19 1 
# 
loop_
_ndb_struct_na_base_pair_step.model_number 
_ndb_struct_na_base_pair_step.i_label_asym_id_1 
_ndb_struct_na_base_pair_step.i_label_comp_id_1 
_ndb_struct_na_base_pair_step.i_label_seq_id_1 
_ndb_struct_na_base_pair_step.i_symmetry_1 
_ndb_struct_na_base_pair_step.j_label_asym_id_1 
_ndb_struct_na_base_pair_step.j_label_comp_id_1 
_ndb_struct_na_base_pair_step.j_label_seq_id_1 
_ndb_struct_na_base_pair_step.j_symmetry_1 
_ndb_struct_na_base_pair_step.i_label_asym_id_2 
_ndb_struct_na_base_pair_step.i_label_comp_id_2 
_ndb_struct_na_base_pair_step.i_label_seq_id_2 
_ndb_struct_na_base_pair_step.i_symmetry_2 
_ndb_struct_na_base_pair_step.j_label_asym_id_2 
_ndb_struct_na_base_pair_step.j_label_comp_id_2 
_ndb_struct_na_base_pair_step.j_label_seq_id_2 
_ndb_struct_na_base_pair_step.j_symmetry_2 
_ndb_struct_na_base_pair_step.shift 
_ndb_struct_na_base_pair_step.slide 
_ndb_struct_na_base_pair_step.rise 
_ndb_struct_na_base_pair_step.tilt 
_ndb_struct_na_base_pair_step.roll 
_ndb_struct_na_base_pair_step.twist 
_ndb_struct_na_base_pair_step.x_displacement 
_ndb_struct_na_base_pair_step.y_displacement 
_ndb_struct_na_base_pair_step.helical_rise 
_ndb_struct_na_base_pair_step.inclination 
_ndb_struct_na_base_pair_step.tip 
_ndb_struct_na_base_pair_step.helical_twist 
_ndb_struct_na_base_pair_step.step_number 
_ndb_struct_na_base_pair_step.step_name 
_ndb_struct_na_base_pair_step.i_auth_asym_id_1 
_ndb_struct_na_base_pair_step.i_auth_seq_id_1 
_ndb_struct_na_base_pair_step.i_PDB_ins_code_1 
_ndb_struct_na_base_pair_step.j_auth_asym_id_1 
_ndb_struct_na_base_pair_step.j_auth_seq_id_1 
_ndb_struct_na_base_pair_step.j_PDB_ins_code_1 
_ndb_struct_na_base_pair_step.i_auth_asym_id_2 
_ndb_struct_na_base_pair_step.i_auth_seq_id_2 
_ndb_struct_na_base_pair_step.i_PDB_ins_code_2 
_ndb_struct_na_base_pair_step.j_auth_asym_id_2 
_ndb_struct_na_base_pair_step.j_auth_seq_id_2 
_ndb_struct_na_base_pair_step.j_PDB_ins_code_2 
1 A DC 1  1_555 B DG 12 1_555 A DG 2  1_555 B DC 11 1_555 0.273  0.556  3.553 -1.587 0.467   45.011 0.680  -0.512 3.547 0.610   
2.072   45.040 1  AA_DC1DG2:DC23DG24_BB   A 1  ? B 24 ? A 2  ? B 23 ? 
1 A DG 2  1_555 B DC 11 1_555 A DC 3  1_555 B DG 10 1_555 0.344  0.193  3.453 6.852  -5.106  34.812 1.094  0.488  3.397 -8.379  
-11.244 35.814 2  AA_DG2DC3:DG22DC23_BB   A 2  ? B 23 ? A 3  ? B 22 ? 
1 A DC 3  1_555 B DG 10 1_555 A DA 4  1_555 B DT 9  1_555 -0.771 0.745  3.259 -2.164 8.580   29.913 -0.310 1.008  3.383 16.182  
4.082   31.165 3  AA_DC3DA4:DT21DG22_BB   A 3  ? B 22 ? A 4  ? B 21 ? 
1 A DA 4  1_555 B DT 9  1_555 A DA 5  1_555 B DT 8  1_555 0.036  -0.362 3.695 -0.715 1.375   38.122 -0.750 -0.157 3.679 2.104   
1.095   38.153 4  AA_DA4DA5:DT20DT21_BB   A 4  ? B 21 ? A 5  ? B 20 ? 
1 A DA 5  1_555 B DT 8  1_555 A DA 6  1_555 B DT 7  1_555 -0.678 -0.748 2.785 -2.297 3.470   41.200 -1.373 0.751  2.748 4.915   
3.255   41.400 5  AA_DA5DA6:DT19DT20_BB   A 5  ? B 20 ? A 6  ? B 19 ? 
1 A DA 6  1_555 B DT 7  1_555 A DT 7  1_555 B DA 6  1_555 0.414  -0.870 3.771 0.770  -0.780  31.435 -1.437 -0.596 3.799 -1.439  
-1.420  31.453 6  AA_DA6DT7:DA18DT19_BB   A 6  ? B 19 ? A 7  ? B 18 ? 
1 A DT 7  1_555 B DA 6  1_555 A DT 8  1_555 B DA 5  1_555 -0.362 -0.430 3.313 -0.798 -3.220  31.988 -0.189 0.508  3.347 -5.823  
1.443   32.155 7  AA_DT7DT8:DA17DA18_BB   A 7  ? B 18 ? A 8  ? B 17 ? 
1 A DT 8  1_555 B DA 5  1_555 A DT 9  1_555 B DA 4  1_555 0.390  0.047  3.255 3.577  6.214   39.330 -0.647 -0.159 3.246 9.141   
-5.261  39.953 8  AA_DT8DT9:DA16DA17_BB   A 8  ? B 17 ? A 9  ? B 16 ? 
1 A DT 9  1_555 B DA 4  1_555 A DG 10 1_555 B DC 3  1_555 0.293  1.687  2.692 -9.242 -5.897  35.628 3.249  -1.409 2.251 -9.368  
14.682  37.224 9  AA_DT9DG10:DC15DA16_BB  A 9  ? B 16 ? A 10 ? B 15 ? 
1 A DG 10 1_555 B DC 3  1_555 A DC 11 1_555 B DG 2  1_555 -0.692 -0.279 3.919 -1.920 -11.782 34.220 1.577  0.784  3.836 -19.308 
3.146   36.183 10 AA_DG10DC11:DG14DC15_BB A 10 ? B 15 ? A 11 ? B 14 ? 
1 A DC 11 1_555 B DG 2  1_555 A DG 12 1_555 B DC 1  1_555 -0.083 0.954  3.382 8.421  4.136   39.998 0.889  1.078  3.375 5.948   
-12.110 41.040 11 AA_DC11DG12:DC13DG14_BB A 11 ? B 14 ? A 12 ? B 13 ? 
# 
_atom_sites.entry_id                    2DND 
_atom_sites.fract_transf_matrix[1][1]   -0.00757708 
_atom_sites.fract_transf_matrix[1][2]   0.00801847 
_atom_sites.fract_transf_matrix[1][3]   0.03811866 
_atom_sites.fract_transf_matrix[2][1]   -0.02370390 
_atom_sites.fract_transf_matrix[2][2]   0.00210473 
_atom_sites.fract_transf_matrix[2][3]   -0.00515451 
_atom_sites.fract_transf_matrix[3][1]   -0.00194599 
_atom_sites.fract_transf_matrix[3][2]   -0.01508981 
_atom_sites.fract_transf_matrix[3][3]   0.00278741 
_atom_sites.fract_transf_vector[1]      0.565450 
_atom_sites.fract_transf_vector[2]      0.523201 
_atom_sites.fract_transf_vector[3]      1.127942 
# 
loop_
_atom_type.symbol 
C 
N 
O 
P 
# 
loop_
_atom_site.group_PDB 
_atom_site.id 
_atom_site.type_symbol 
_atom_site.label_atom_id 
_atom_site.label_alt_id 
_atom_site.label_comp_id 
_atom_site.label_asym_id 
_atom_site.label_entity_id 
_atom_site.label_seq_id 
_atom_site.pdbx_PDB_ins_code 
_atom_site.Cartn_x 
_atom_site.Cartn_y 
_atom_site.Cartn_z 
_atom_site.occupancy 
_atom_site.B_iso_or_equiv 
_atom_site.pdbx_formal_charge 
_atom_site.auth_seq_id 
_atom_site.auth_comp_id 
_atom_site.auth_asym_id 
_atom_site.auth_atom_id 
_atom_site.pdbx_PDB_model_num 
ATOM   1   O "O5'" . DC  A 1 1  ? -14.863 -15.588 4.636   1.00 14.73 ? 1   DC  A "O5'" 1 
ATOM   2   C "C5'" . DC  A 1 1  ? -15.113 -14.157 4.491   1.00 15.10 ? 1   DC  A "C5'" 1 
ATOM   3   C "C4'" . DC  A 1 1  ? -14.522 -13.422 5.655   1.00 14.76 ? 1   DC  A "C4'" 1 
ATOM   4   O "O4'" . DC  A 1 1  ? -13.228 -13.972 5.844   1.00 14.70 ? 1   DC  A "O4'" 1 
ATOM   5   C "C3'" . DC  A 1 1  ? -14.274 -11.894 5.530   1.00 14.70 ? 1   DC  A "C3'" 1 
ATOM   6   O "O3'" . DC  A 1 1  ? -13.971 -11.220 6.665   1.00 14.73 ? 1   DC  A "O3'" 1 
ATOM   7   C "C2'" . DC  A 1 1  ? -13.074 -12.044 4.550   1.00 14.18 ? 1   DC  A "C2'" 1 
ATOM   8   C "C1'" . DC  A 1 1  ? -12.287 -13.039 5.313   1.00 14.46 ? 1   DC  A "C1'" 1 
ATOM   9   N N1    . DC  A 1 1  ? -11.303 -13.808 4.490   1.00 14.27 ? 1   DC  A N1    1 
ATOM   10  C C2    . DC  A 1 1  ? -10.263 -14.388 5.196   1.00 14.27 ? 1   DC  A C2    1 
ATOM   11  O O2    . DC  A 1 1  ? -10.217 -14.226 6.430   1.00 14.12 ? 1   DC  A O2    1 
ATOM   12  N N3    . DC  A 1 1  ? -9.364  -15.072 4.485   1.00 14.01 ? 1   DC  A N3    1 
ATOM   13  C C4    . DC  A 1 1  ? -9.480  -15.260 3.140   1.00 15.10 ? 1   DC  A C4    1 
ATOM   14  N N4    . DC  A 1 1  ? -8.620  -15.991 2.402   1.00 16.30 ? 1   DC  A N4    1 
ATOM   15  C C5    . DC  A 1 1  ? -10.545 -14.651 2.427   1.00 14.48 ? 1   DC  A C5    1 
ATOM   16  C C6    . DC  A 1 1  ? -11.408 -13.937 3.176   1.00 14.43 ? 1   DC  A C6    1 
ATOM   17  P P     . DG  A 1 2  ? -13.725 -9.925  7.457   1.00 18.01 ? 2   DG  A P     1 
ATOM   18  O OP1   . DG  A 1 2  ? -14.768 -9.720  8.668   1.00 16.98 ? 2   DG  A OP1   1 
ATOM   19  O OP2   . DG  A 1 2  ? -13.744 -8.719  6.695   1.00 14.74 ? 2   DG  A OP2   1 
ATOM   20  O "O5'" . DG  A 1 2  ? -12.305 -10.266 8.220   1.00 11.80 ? 2   DG  A "O5'" 1 
ATOM   21  C "C5'" . DG  A 1 2  ? -12.097 -10.138 9.525   1.00 8.99  ? 2   DG  A "C5'" 1 
ATOM   22  C "C4'" . DG  A 1 2  ? -10.617 -9.943  9.818   1.00 8.75  ? 2   DG  A "C4'" 1 
ATOM   23  O "O4'" . DG  A 1 2  ? -9.782  -10.709 8.949   1.00 9.36  ? 2   DG  A "O4'" 1 
ATOM   24  C "C3'" . DG  A 1 2  ? -10.089 -8.594  9.634   1.00 8.38  ? 2   DG  A "C3'" 1 
ATOM   25  O "O3'" . DG  A 1 2  ? -8.990  -8.335  10.580  1.00 9.25  ? 2   DG  A "O3'" 1 
ATOM   26  C "C2'" . DG  A 1 2  ? -9.612  -8.629  8.201   1.00 7.82  ? 2   DG  A "C2'" 1 
ATOM   27  C "C1'" . DG  A 1 2  ? -8.883  -10.005 8.147   1.00 5.35  ? 2   DG  A "C1'" 1 
ATOM   28  N N9    . DG  A 1 2  ? -8.761  -10.427 6.773   1.00 4.64  ? 2   DG  A N9    1 
ATOM   29  C C8    . DG  A 1 2  ? -9.572  -10.018 5.763   1.00 4.26  ? 2   DG  A C8    1 
ATOM   30  N N7    . DG  A 1 2  ? -9.215  -10.555 4.578   1.00 6.12  ? 2   DG  A N7    1 
ATOM   31  C C5    . DG  A 1 2  ? -8.076  -11.208 4.778   1.00 3.08  ? 2   DG  A C5    1 
ATOM   32  C C6    . DG  A 1 2  ? -7.267  -11.959 3.935   1.00 4.95  ? 2   DG  A C6    1 
ATOM   33  O O6    . DG  A 1 2  ? -7.434  -12.163 2.678   1.00 6.28  ? 2   DG  A O6    1 
ATOM   34  N N1    . DG  A 1 2  ? -6.219  -12.670 4.547   1.00 5.05  ? 2   DG  A N1    1 
ATOM   35  C C2    . DG  A 1 2  ? -6.004  -12.535 5.862   1.00 6.41  ? 2   DG  A C2    1 
ATOM   36  N N2    . DG  A 1 2  ? -4.976  -13.221 6.487   1.00 5.87  ? 2   DG  A N2    1 
ATOM   37  N N3    . DG  A 1 2  ? -6.780  -11.790 6.732   1.00 5.49  ? 2   DG  A N3    1 
ATOM   38  C C4    . DG  A 1 2  ? -7.800  -11.199 6.132   1.00 4.74  ? 2   DG  A C4    1 
ATOM   39  P P     . DC  A 1 3  ? -8.644  -6.701  10.669  1.00 15.98 ? 3   DC  A P     1 
ATOM   40  O OP1   . DC  A 1 3  ? -9.449  -6.111  11.757  1.00 11.57 ? 3   DC  A OP1   1 
ATOM   41  O OP2   . DC  A 1 3  ? -8.967  -6.380  9.236   1.00 9.80  ? 3   DC  A OP2   1 
ATOM   42  O "O5'" . DC  A 1 3  ? -7.119  -6.754  11.083  1.00 10.98 ? 3   DC  A "O5'" 1 
ATOM   43  C "C5'" . DC  A 1 3  ? -6.496  -7.930  11.615  1.00 10.10 ? 3   DC  A "C5'" 1 
ATOM   44  C "C4'" . DC  A 1 3  ? -5.198  -8.289  10.856  1.00 9.49  ? 3   DC  A "C4'" 1 
ATOM   45  O "O4'" . DC  A 1 3  ? -5.477  -8.898  9.662   1.00 9.27  ? 3   DC  A "O4'" 1 
ATOM   46  C "C3'" . DC  A 1 3  ? -4.239  -7.135  10.529  1.00 9.78  ? 3   DC  A "C3'" 1 
ATOM   47  O "O3'" . DC  A 1 3  ? -3.017  -7.152  11.400  1.00 10.63 ? 3   DC  A "O3'" 1 
ATOM   48  C "C2'" . DC  A 1 3  ? -3.858  -7.389  9.136   1.00 10.37 ? 3   DC  A "C2'" 1 
ATOM   49  C "C1'" . DC  A 1 3  ? -4.409  -8.716  8.703   1.00 10.29 ? 3   DC  A "C1'" 1 
ATOM   50  N N1    . DC  A 1 3  ? -4.906  -8.603  7.352   1.00 10.21 ? 3   DC  A N1    1 
ATOM   51  C C2    . DC  A 1 3  ? -4.437  -9.390  6.363   1.00 12.02 ? 3   DC  A C2    1 
ATOM   52  O O2    . DC  A 1 3  ? -3.539  -10.226 6.626   1.00 11.48 ? 3   DC  A O2    1 
ATOM   53  N N3    . DC  A 1 3  ? -4.933  -9.260  5.069   1.00 12.67 ? 3   DC  A N3    1 
ATOM   54  C C4    . DC  A 1 3  ? -5.904  -8.288  4.813   1.00 12.45 ? 3   DC  A C4    1 
ATOM   55  N N4    . DC  A 1 3  ? -6.440  -8.175  3.576   1.00 12.95 ? 3   DC  A N4    1 
ATOM   56  C C5    . DC  A 1 3  ? -6.407  -7.507  5.850   1.00 11.74 ? 3   DC  A C5    1 
ATOM   57  C C6    . DC  A 1 3  ? -5.869  -7.687  7.049   1.00 11.74 ? 3   DC  A C6    1 
ATOM   58  P P     . DA  A 1 4  ? -2.110  -5.734  11.279  1.00 9.53  ? 4   DA  A P     1 
ATOM   59  O OP1   . DA  A 1 4  ? -2.469  -5.038  12.460  1.00 6.58  ? 4   DA  A OP1   1 
ATOM   60  O OP2   . DA  A 1 4  ? -2.506  -5.351  9.879   1.00 5.99  ? 4   DA  A OP2   1 
ATOM   61  O "O5'" . DA  A 1 4  ? -0.610  -6.261  11.266  1.00 12.52 ? 4   DA  A "O5'" 1 
ATOM   62  C "C5'" . DA  A 1 4  ? -0.439  -7.752  10.919  1.00 15.46 ? 4   DA  A "C5'" 1 
ATOM   63  C "C4'" . DA  A 1 4  ? 0.710   -7.817  9.936   1.00 14.92 ? 4   DA  A "C4'" 1 
ATOM   64  O "O4'" . DA  A 1 4  ? 0.215   -8.077  8.575   1.00 15.20 ? 4   DA  A "O4'" 1 
ATOM   65  C "C3'" . DA  A 1 4  ? 1.463   -6.492  9.707   1.00 15.06 ? 4   DA  A "C3'" 1 
ATOM   66  O "O3'" . DA  A 1 4  ? 2.475   -6.560  8.752   1.00 17.53 ? 4   DA  A "O3'" 1 
ATOM   67  C "C2'" . DA  A 1 4  ? 0.205   -5.787  9.093   1.00 13.25 ? 4   DA  A "C2'" 1 
ATOM   68  C "C1'" . DA  A 1 4  ? 0.136   -6.765  7.942   1.00 11.83 ? 4   DA  A "C1'" 1 
ATOM   69  N N9    . DA  A 1 4  ? -1.022  -6.453  7.106   1.00 10.81 ? 4   DA  A N9    1 
ATOM   70  C C8    . DA  A 1 4  ? -2.046  -5.592  7.280   1.00 9.81  ? 4   DA  A C8    1 
ATOM   71  N N7    . DA  A 1 4  ? -2.901  -5.521  6.315   1.00 9.81  ? 4   DA  A N7    1 
ATOM   72  C C5    . DA  A 1 4  ? -2.340  -6.362  5.352   1.00 9.78  ? 4   DA  A C5    1 
ATOM   73  C C6    . DA  A 1 4  ? -2.749  -6.695  4.048   1.00 9.58  ? 4   DA  A C6    1 
ATOM   74  N N6    . DA  A 1 4  ? -3.862  -6.186  3.553   1.00 10.62 ? 4   DA  A N6    1 
ATOM   75  N N1    . DA  A 1 4  ? -1.957  -7.541  3.360   1.00 8.89  ? 4   DA  A N1    1 
ATOM   76  C C2    . DA  A 1 4  ? -0.797  -8.096  3.965   1.00 9.98  ? 4   DA  A C2    1 
ATOM   77  N N3    . DA  A 1 4  ? -0.409  -7.834  5.219   1.00 8.81  ? 4   DA  A N3    1 
ATOM   78  C C4    . DA  A 1 4  ? -1.198  -6.989  5.837   1.00 9.68  ? 4   DA  A C4    1 
ATOM   79  P P     . DA  A 1 5  ? 4.010   -6.227  8.932   1.00 21.33 ? 5   DA  A P     1 
ATOM   80  O OP1   . DA  A 1 5  ? 4.772   -7.451  9.546   1.00 22.95 ? 5   DA  A OP1   1 
ATOM   81  O OP2   . DA  A 1 5  ? 4.030   -5.170  9.970   1.00 22.00 ? 5   DA  A OP2   1 
ATOM   82  O "O5'" . DA  A 1 5  ? 4.566   -6.126  7.463   1.00 19.09 ? 5   DA  A "O5'" 1 
ATOM   83  C "C5'" . DA  A 1 5  ? 5.163   -7.447  7.012   1.00 17.40 ? 5   DA  A "C5'" 1 
ATOM   84  C "C4'" . DA  A 1 5  ? 4.932   -7.587  5.553   1.00 16.78 ? 5   DA  A "C4'" 1 
ATOM   85  O "O4'" . DA  A 1 5  ? 3.580   -7.289  5.255   1.00 16.29 ? 5   DA  A "O4'" 1 
ATOM   86  C "C3'" . DA  A 1 5  ? 5.829   -6.618  4.750   1.00 16.09 ? 5   DA  A "C3'" 1 
ATOM   87  O "O3'" . DA  A 1 5  ? 6.110   -6.949  3.407   1.00 15.25 ? 5   DA  A "O3'" 1 
ATOM   88  C "C2'" . DA  A 1 5  ? 4.914   -5.369  4.951   1.00 17.11 ? 5   DA  A "C2'" 1 
ATOM   89  C "C1'" . DA  A 1 5  ? 3.605   -6.085  4.469   1.00 15.89 ? 5   DA  A "C1'" 1 
ATOM   90  N N9    . DA  A 1 5  ? 2.452   -5.235  4.570   1.00 15.37 ? 5   DA  A N9    1 
ATOM   91  C C8    . DA  A 1 5  ? 1.907   -4.461  5.550   1.00 15.04 ? 5   DA  A C8    1 
ATOM   92  N N7    . DA  A 1 5  ? 0.783   -3.858  5.263   1.00 13.51 ? 5   DA  A N7    1 
ATOM   93  C C5    . DA  A 1 5  ? 0.562   -4.249  3.926   1.00 15.59 ? 5   DA  A C5    1 
ATOM   94  C C6    . DA  A 1 5  ? -0.448  -3.948  2.986   1.00 14.93 ? 5   DA  A C6    1 
ATOM   95  N N6    . DA  A 1 5  ? -1.476  -3.145  3.273   1.00 16.10 ? 5   DA  A N6    1 
ATOM   96  N N1    . DA  A 1 5  ? -0.344  -4.486  1.763   1.00 15.01 ? 5   DA  A N1    1 
ATOM   97  C C2    . DA  A 1 5  ? 0.716   -5.340  1.430   1.00 15.64 ? 5   DA  A C2    1 
ATOM   98  N N3    . DA  A 1 5  ? 1.665   -5.667  2.290   1.00 15.68 ? 5   DA  A N3    1 
ATOM   99  C C4    . DA  A 1 5  ? 1.578   -5.080  3.474   1.00 15.32 ? 5   DA  A C4    1 
ATOM   100 P P     . DA  A 1 6  ? 7.292   -6.341  2.540   1.00 11.67 ? 6   DA  A P     1 
ATOM   101 O OP1   . DA  A 1 6  ? 8.475   -7.193  2.302   1.00 17.51 ? 6   DA  A OP1   1 
ATOM   102 O OP2   . DA  A 1 6  ? 7.690   -5.114  3.464   1.00 10.17 ? 6   DA  A OP2   1 
ATOM   103 O "O5'" . DA  A 1 6  ? 6.663   -5.989  1.171   1.00 12.61 ? 6   DA  A "O5'" 1 
ATOM   104 C "C5'" . DA  A 1 6  ? 5.567   -6.946  0.856   1.00 10.57 ? 6   DA  A "C5'" 1 
ATOM   105 C "C4'" . DA  A 1 6  ? 5.653   -6.952  -0.626  1.00 10.50 ? 6   DA  A "C4'" 1 
ATOM   106 O "O4'" . DA  A 1 6  ? 4.361   -6.360  -0.979  1.00 10.22 ? 6   DA  A "O4'" 1 
ATOM   107 C "C3'" . DA  A 1 6  ? 6.572   -6.055  -1.403  1.00 10.53 ? 6   DA  A "C3'" 1 
ATOM   108 O "O3'" . DA  A 1 6  ? 6.196   -5.995  -2.811  1.00 8.88  ? 6   DA  A "O3'" 1 
ATOM   109 C "C2'" . DA  A 1 6  ? 6.090   -4.708  -0.867  1.00 8.85  ? 6   DA  A "C2'" 1 
ATOM   110 C "C1'" . DA  A 1 6  ? 4.642   -4.913  -1.159  1.00 8.20  ? 6   DA  A "C1'" 1 
ATOM   111 N N9    . DA  A 1 6  ? 3.824   -4.202  -0.251  1.00 7.12  ? 6   DA  A N9    1 
ATOM   112 C C8    . DA  A 1 6  ? 4.169   -3.847  1.083   1.00 7.69  ? 6   DA  A C8    1 
ATOM   113 N N7    . DA  A 1 6  ? 3.264   -3.138  1.710   1.00 6.41  ? 6   DA  A N7    1 
ATOM   114 C C5    . DA  A 1 6  ? 2.272   -3.035  0.747   1.00 7.38  ? 6   DA  A C5    1 
ATOM   115 C C6    . DA  A 1 6  ? 1.021   -2.322  0.754   1.00 7.73  ? 6   DA  A C6    1 
ATOM   116 N N6    . DA  A 1 6  ? 0.582   -1.713  1.918   1.00 6.85  ? 6   DA  A N6    1 
ATOM   117 N N1    . DA  A 1 6  ? 0.311   -2.498  -0.334  1.00 6.97  ? 6   DA  A N1    1 
ATOM   118 C C2    . DA  A 1 6  ? 0.737   -3.144  -1.452  1.00 7.24  ? 6   DA  A C2    1 
ATOM   119 N N3    . DA  A 1 6  ? 1.913   -3.780  -1.630  1.00 8.01  ? 6   DA  A N3    1 
ATOM   120 C C4    . DA  A 1 6  ? 2.618   -3.696  -0.433  1.00 7.28  ? 6   DA  A C4    1 
ATOM   121 P P     . DT  A 1 7  ? 7.133   -5.216  -3.793  1.00 16.30 ? 7   DT  A P     1 
ATOM   122 O OP1   . DT  A 1 7  ? 7.690   -6.286  -4.815  1.00 13.17 ? 7   DT  A OP1   1 
ATOM   123 O OP2   . DT  A 1 7  ? 8.202   -4.662  -2.879  1.00 8.80  ? 7   DT  A OP2   1 
ATOM   124 O "O5'" . DT  A 1 7  ? 6.345   -4.191  -4.603  1.00 9.54  ? 7   DT  A "O5'" 1 
ATOM   125 C "C5'" . DT  A 1 7  ? 5.014   -4.668  -5.098  1.00 12.31 ? 7   DT  A "C5'" 1 
ATOM   126 C "C4'" . DT  A 1 7  ? 4.150   -3.441  -5.126  1.00 10.13 ? 7   DT  A "C4'" 1 
ATOM   127 O "O4'" . DT  A 1 7  ? 3.889   -3.022  -3.789  1.00 10.21 ? 7   DT  A "O4'" 1 
ATOM   128 C "C3'" . DT  A 1 7  ? 4.774   -2.242  -5.800  1.00 10.87 ? 7   DT  A "C3'" 1 
ATOM   129 O "O3'" . DT  A 1 7  ? 3.869   -1.785  -6.903  1.00 11.51 ? 7   DT  A "O3'" 1 
ATOM   130 C "C2'" . DT  A 1 7  ? 4.830   -1.191  -4.772  1.00 9.90  ? 7   DT  A "C2'" 1 
ATOM   131 C "C1'" . DT  A 1 7  ? 3.629   -1.523  -3.965  1.00 9.18  ? 7   DT  A "C1'" 1 
ATOM   132 N N1    . DT  A 1 7  ? 3.601   -0.877  -2.679  1.00 8.12  ? 7   DT  A N1    1 
ATOM   133 C C2    . DT  A 1 7  ? 2.495   -0.180  -2.256  1.00 7.89  ? 7   DT  A C2    1 
ATOM   134 O O2    . DT  A 1 7  ? 1.560   -0.117  -3.074  1.00 9.79  ? 7   DT  A O2    1 
ATOM   135 N N3    . DT  A 1 7  ? 2.492   0.391   -1.036  1.00 7.70  ? 7   DT  A N3    1 
ATOM   136 C C4    . DT  A 1 7  ? 3.558   0.225   -0.149  1.00 8.34  ? 7   DT  A C4    1 
ATOM   137 O O4    . DT  A 1 7  ? 3.472   0.776   1.014   1.00 7.95  ? 7   DT  A O4    1 
ATOM   138 C C5    . DT  A 1 7  ? 4.651   -0.542  -0.561  1.00 7.50  ? 7   DT  A C5    1 
ATOM   139 C C7    . DT  A 1 7  ? 5.848   -0.819  0.284   1.00 9.27  ? 7   DT  A C7    1 
ATOM   140 C C6    . DT  A 1 7  ? 4.635   -1.040  -1.797  1.00 7.87  ? 7   DT  A C6    1 
ATOM   141 P P     . DT  A 1 8  ? 4.683   -1.428  -8.209  1.00 13.92 ? 8   DT  A P     1 
ATOM   142 O OP1   . DT  A 1 8  ? 4.058   -2.134  -9.483  1.00 10.67 ? 8   DT  A OP1   1 
ATOM   143 O OP2   . DT  A 1 8  ? 5.963   -1.999  -7.929  1.00 16.03 ? 8   DT  A OP2   1 
ATOM   144 O "O5'" . DT  A 1 8  ? 4.589   0.181   -8.207  1.00 12.95 ? 8   DT  A "O5'" 1 
ATOM   145 C "C5'" . DT  A 1 8  ? 3.489   0.786   -8.893  1.00 10.93 ? 8   DT  A "C5'" 1 
ATOM   146 C "C4'" . DT  A 1 8  ? 2.442   1.362   -8.016  1.00 9.19  ? 8   DT  A "C4'" 1 
ATOM   147 O "O4'" . DT  A 1 8  ? 2.922   1.489   -6.736  1.00 8.42  ? 8   DT  A "O4'" 1 
ATOM   148 C "C3'" . DT  A 1 8  ? 2.097   2.806   -8.399  1.00 10.67 ? 8   DT  A "C3'" 1 
ATOM   149 O "O3'" . DT  A 1 8  ? 1.166   2.928   -9.465  1.00 11.70 ? 8   DT  A "O3'" 1 
ATOM   150 C "C2'" . DT  A 1 8  ? 1.625   3.396   -7.077  1.00 9.20  ? 8   DT  A "C2'" 1 
ATOM   151 C "C1'" . DT  A 1 8  ? 1.949   2.399   -6.042  1.00 7.49  ? 8   DT  A "C1'" 1 
ATOM   152 N N1    . DT  A 1 8  ? 2.561   2.840   -4.838  1.00 6.02  ? 8   DT  A N1    1 
ATOM   153 C C2    . DT  A 1 8  ? 1.830   3.506   -3.901  1.00 6.33  ? 8   DT  A C2    1 
ATOM   154 O O2    . DT  A 1 8  ? 0.652   3.987   -4.052  1.00 6.54  ? 8   DT  A O2    1 
ATOM   155 N N3    . DT  A 1 8  ? 2.405   3.793   -2.663  1.00 5.60  ? 8   DT  A N3    1 
ATOM   156 C C4    . DT  A 1 8  ? 3.720   3.440   -2.436  1.00 5.48  ? 8   DT  A C4    1 
ATOM   157 O O4    . DT  A 1 8  ? 4.160   3.866   -1.294  1.00 5.37  ? 8   DT  A O4    1 
ATOM   158 C C5    . DT  A 1 8  ? 4.446   2.748   -3.379  1.00 4.77  ? 8   DT  A C5    1 
ATOM   159 C C7    . DT  A 1 8  ? 5.869   2.298   -3.101  1.00 5.88  ? 8   DT  A C7    1 
ATOM   160 C C6    . DT  A 1 8  ? 3.872   2.426   -4.554  1.00 5.35  ? 8   DT  A C6    1 
ATOM   161 P P     . DT  A 1 9  ? 0.777   4.100   -10.319 1.00 17.12 ? 9   DT  A P     1 
ATOM   162 O OP1   . DT  A 1 9  ? -0.063  3.618   -11.541 1.00 15.88 ? 9   DT  A OP1   1 
ATOM   163 O OP2   . DT  A 1 9  ? 1.984   4.796   -10.871 1.00 19.33 ? 9   DT  A OP2   1 
ATOM   164 O "O5'" . DT  A 1 9  ? -0.093  5.073   -9.418  1.00 17.73 ? 9   DT  A "O5'" 1 
ATOM   165 C "C5'" . DT  A 1 9  ? -0.605  4.593   -8.145  1.00 20.82 ? 9   DT  A "C5'" 1 
ATOM   166 C "C4'" . DT  A 1 9  ? -0.993  5.862   -7.360  1.00 22.07 ? 9   DT  A "C4'" 1 
ATOM   167 O "O4'" . DT  A 1 9  ? -0.439  6.009   -6.064  1.00 21.59 ? 9   DT  A "O4'" 1 
ATOM   168 C "C3'" . DT  A 1 9  ? -0.633  7.152   -8.159  1.00 21.76 ? 9   DT  A "C3'" 1 
ATOM   169 O "O3'" . DT  A 1 9  ? -1.750  7.962   -8.179  1.00 25.07 ? 9   DT  A "O3'" 1 
ATOM   170 C "C2'" . DT  A 1 9  ? 0.532   7.698   -7.373  1.00 21.11 ? 9   DT  A "C2'" 1 
ATOM   171 C "C1'" . DT  A 1 9  ? 0.271   7.283   -5.991  1.00 20.17 ? 9   DT  A "C1'" 1 
ATOM   172 N N1    . DT  A 1 9  ? 1.580   7.064   -5.297  1.00 18.89 ? 9   DT  A N1    1 
ATOM   173 C C2    . DT  A 1 9  ? 1.621   7.376   -3.975  1.00 18.05 ? 9   DT  A C2    1 
ATOM   174 O O2    . DT  A 1 9  ? 0.596   7.839   -3.439  1.00 18.96 ? 9   DT  A O2    1 
ATOM   175 N N3    . DT  A 1 9  ? 2.797   7.174   -3.317  1.00 18.00 ? 9   DT  A N3    1 
ATOM   176 C C4    . DT  A 1 9  ? 3.891   6.674   -3.935  1.00 17.19 ? 9   DT  A C4    1 
ATOM   177 O O4    . DT  A 1 9  ? 4.945   6.469   -3.262  1.00 17.51 ? 9   DT  A O4    1 
ATOM   178 C C5    . DT  A 1 9  ? 3.826   6.338   -5.327  1.00 17.43 ? 9   DT  A C5    1 
ATOM   179 C C7    . DT  A 1 9  ? 5.017   5.802   -6.036  1.00 17.46 ? 9   DT  A C7    1 
ATOM   180 C C6    . DT  A 1 9  ? 2.665   6.559   -5.951  1.00 18.00 ? 9   DT  A C6    1 
ATOM   181 P P     . DG  A 1 10 ? -2.590  8.833   -9.143  1.00 28.83 ? 10  DG  A P     1 
ATOM   182 O OP1   . DG  A 1 10 ? -4.006  9.036   -8.462  1.00 28.42 ? 10  DG  A OP1   1 
ATOM   183 O OP2   . DG  A 1 10 ? -2.845  8.033   -10.389 1.00 27.75 ? 10  DG  A OP2   1 
ATOM   184 O "O5'" . DG  A 1 10 ? -1.854  10.252  -9.232  1.00 24.53 ? 10  DG  A "O5'" 1 
ATOM   185 C "C5'" . DG  A 1 10 ? -2.628  11.429  -8.859  1.00 22.44 ? 10  DG  A "C5'" 1 
ATOM   186 C "C4'" . DG  A 1 10 ? -2.539  11.770  -7.381  1.00 21.60 ? 10  DG  A "C4'" 1 
ATOM   187 O "O4'" . DG  A 1 10 ? -1.604  11.076  -6.648  1.00 21.14 ? 10  DG  A "O4'" 1 
ATOM   188 C "C3'" . DG  A 1 10 ? -2.148  13.286  -7.224  1.00 21.71 ? 10  DG  A "C3'" 1 
ATOM   189 O "O3'" . DG  A 1 10 ? -3.116  14.011  -6.414  1.00 21.15 ? 10  DG  A "O3'" 1 
ATOM   190 C "C2'" . DG  A 1 10 ? -0.704  13.212  -6.795  1.00 20.71 ? 10  DG  A "C2'" 1 
ATOM   191 C "C1'" . DG  A 1 10 ? -0.631  11.916  -6.007  1.00 20.29 ? 10  DG  A "C1'" 1 
ATOM   192 N N9    . DG  A 1 10 ? 0.699   11.352  -6.051  1.00 20.25 ? 10  DG  A N9    1 
ATOM   193 C C8    . DG  A 1 10 ? 1.332   10.863  -7.179  1.00 20.67 ? 10  DG  A C8    1 
ATOM   194 N N7    . DG  A 1 10 ? 2.538   10.366  -6.955  1.00 20.50 ? 10  DG  A N7    1 
ATOM   195 C C5    . DG  A 1 10 ? 2.708   10.529  -5.594  1.00 20.65 ? 10  DG  A C5    1 
ATOM   196 C C6    . DG  A 1 10 ? 3.764   10.120  -4.740  1.00 20.61 ? 10  DG  A C6    1 
ATOM   197 O O6    . DG  A 1 10 ? 4.840   9.548   -5.074  1.00 20.93 ? 10  DG  A O6    1 
ATOM   198 N N1    . DG  A 1 10 ? 3.557   10.379  -3.411  1.00 20.51 ? 10  DG  A N1    1 
ATOM   199 C C2    . DG  A 1 10 ? 2.426   10.988  -2.982  1.00 21.05 ? 10  DG  A C2    1 
ATOM   200 N N2    . DG  A 1 10 ? 2.339   11.267  -1.675  1.00 20.99 ? 10  DG  A N2    1 
ATOM   201 N N3    . DG  A 1 10 ? 1.354   11.317  -3.742  1.00 20.87 ? 10  DG  A N3    1 
ATOM   202 C C4    . DG  A 1 10 ? 1.570   11.064  -5.033  1.00 20.40 ? 10  DG  A C4    1 
ATOM   203 P P     . DC  A 1 11 ? -3.049  15.622  -6.257  1.00 20.63 ? 11  DC  A P     1 
ATOM   204 O OP1   . DC  A 1 11 ? -4.343  16.297  -5.872  1.00 23.23 ? 11  DC  A OP1   1 
ATOM   205 O OP2   . DC  A 1 11 ? -2.379  16.205  -7.335  1.00 19.72 ? 11  DC  A OP2   1 
ATOM   206 O "O5'" . DC  A 1 11 ? -2.332  15.595  -4.714  1.00 18.79 ? 11  DC  A "O5'" 1 
ATOM   207 C "C5'" . DC  A 1 11 ? -3.356  15.237  -3.744  1.00 19.64 ? 11  DC  A "C5'" 1 
ATOM   208 C "C4'" . DC  A 1 11 ? -2.657  15.006  -2.395  1.00 19.68 ? 11  DC  A "C4'" 1 
ATOM   209 O "O4'" . DC  A 1 11 ? -1.504  14.212  -2.550  1.00 19.35 ? 11  DC  A "O4'" 1 
ATOM   210 C "C3'" . DC  A 1 11 ? -2.218  16.307  -1.826  1.00 20.34 ? 11  DC  A "C3'" 1 
ATOM   211 O "O3'" . DC  A 1 11 ? -2.447  16.479  -0.373  1.00 21.51 ? 11  DC  A "O3'" 1 
ATOM   212 C "C2'" . DC  A 1 11 ? -0.730  16.438  -2.190  1.00 19.61 ? 11  DC  A "C2'" 1 
ATOM   213 C "C1'" . DC  A 1 11 ? -0.336  14.964  -2.221  1.00 18.87 ? 11  DC  A "C1'" 1 
ATOM   214 N N1    . DC  A 1 11 ? 0.755   14.809  -3.192  1.00 18.41 ? 11  DC  A N1    1 
ATOM   215 C C2    . DC  A 1 11 ? 2.035   14.622  -2.633  1.00 18.63 ? 11  DC  A C2    1 
ATOM   216 O O2    . DC  A 1 11 ? 2.177   14.608  -1.390  1.00 17.95 ? 11  DC  A O2    1 
ATOM   217 N N3    . DC  A 1 11 ? 3.075   14.410  -3.447  1.00 18.43 ? 11  DC  A N3    1 
ATOM   218 C C4    . DC  A 1 11 ? 2.900   14.455  -4.834  1.00 18.90 ? 11  DC  A C4    1 
ATOM   219 N N4    . DC  A 1 11 ? 4.011   14.281  -5.574  1.00 19.23 ? 11  DC  A N4    1 
ATOM   220 C C5    . DC  A 1 11 ? 1.620   14.612  -5.382  1.00 18.78 ? 11  DC  A C5    1 
ATOM   221 C C6    . DC  A 1 11 ? 0.600   14.790  -4.520  1.00 18.63 ? 11  DC  A C6    1 
ATOM   222 P P     . DG  A 1 12 ? -2.571  18.164  -0.125  1.00 22.68 ? 12  DG  A P     1 
ATOM   223 O OP1   . DG  A 1 12 ? -3.757  18.337  0.841   1.00 21.57 ? 12  DG  A OP1   1 
ATOM   224 O OP2   . DG  A 1 12 ? -2.753  18.682  -1.463  1.00 23.10 ? 12  DG  A OP2   1 
ATOM   225 O "O5'" . DG  A 1 12 ? -1.168  18.512  0.550   1.00 21.92 ? 12  DG  A "O5'" 1 
ATOM   226 C "C5'" . DG  A 1 12 ? -1.184  19.330  1.771   1.00 22.90 ? 12  DG  A "C5'" 1 
ATOM   227 C "C4'" . DG  A 1 12 ? 0.263   19.714  2.067   1.00 23.31 ? 12  DG  A "C4'" 1 
ATOM   228 O "O4'" . DG  A 1 12 ? 0.996   18.579  1.567   1.00 25.05 ? 12  DG  A "O4'" 1 
ATOM   229 C "C3'" . DG  A 1 12 ? 0.870   20.891  1.365   1.00 24.44 ? 12  DG  A "C3'" 1 
ATOM   230 O "O3'" . DG  A 1 12 ? 0.732   22.209  2.015   1.00 22.65 ? 12  DG  A "O3'" 1 
ATOM   231 C "C2'" . DG  A 1 12 ? 2.348   20.488  1.177   1.00 23.38 ? 12  DG  A "C2'" 1 
ATOM   232 C "C1'" . DG  A 1 12 ? 2.169   18.985  0.920   1.00 25.03 ? 12  DG  A "C1'" 1 
ATOM   233 N N9    . DG  A 1 12 ? 2.215   18.768  -0.544  1.00 24.88 ? 12  DG  A N9    1 
ATOM   234 C C8    . DG  A 1 12 ? 1.392   19.053  -1.554  1.00 25.22 ? 12  DG  A C8    1 
ATOM   235 N N7    . DG  A 1 12 ? 1.861   18.748  -2.767  1.00 25.10 ? 12  DG  A N7    1 
ATOM   236 C C5    . DG  A 1 12 ? 3.118   18.193  -2.487  1.00 25.45 ? 12  DG  A C5    1 
ATOM   237 C C6    . DG  A 1 12 ? 4.146   17.676  -3.315  1.00 24.86 ? 12  DG  A C6    1 
ATOM   238 O O6    . DG  A 1 12 ? 4.099   17.541  -4.547  1.00 25.14 ? 12  DG  A O6    1 
ATOM   239 N N1    . DG  A 1 12 ? 5.263   17.250  -2.651  1.00 25.42 ? 12  DG  A N1    1 
ATOM   240 C C2    . DG  A 1 12 ? 5.381   17.266  -1.299  1.00 24.72 ? 12  DG  A C2    1 
ATOM   241 N N2    . DG  A 1 12 ? 6.519   16.820  -0.764  1.00 24.89 ? 12  DG  A N2    1 
ATOM   242 N N3    . DG  A 1 12 ? 4.462   17.744  -0.470  1.00 25.39 ? 12  DG  A N3    1 
ATOM   243 C C4    . DG  A 1 12 ? 3.351   18.184  -1.119  1.00 25.49 ? 12  DG  A C4    1 
ATOM   244 O "O5'" . DC  B 1 1  ? 12.721  15.724  -7.360  1.00 26.39 ? 13  DC  B "O5'" 1 
ATOM   245 C "C5'" . DC  B 1 1  ? 12.226  14.432  -6.625  1.00 25.89 ? 13  DC  B "C5'" 1 
ATOM   246 C "C4'" . DC  B 1 1  ? 12.763  14.770  -5.209  1.00 24.80 ? 13  DC  B "C4'" 1 
ATOM   247 O "O4'" . DC  B 1 1  ? 12.065  15.893  -4.779  1.00 24.82 ? 13  DC  B "O4'" 1 
ATOM   248 C "C3'" . DC  B 1 1  ? 12.630  13.750  -4.121  1.00 24.88 ? 13  DC  B "C3'" 1 
ATOM   249 O "O3'" . DC  B 1 1  ? 13.727  13.810  -3.205  1.00 25.51 ? 13  DC  B "O3'" 1 
ATOM   250 C "C2'" . DC  B 1 1  ? 11.367  14.143  -3.371  1.00 24.49 ? 13  DC  B "C2'" 1 
ATOM   251 C "C1'" . DC  B 1 1  ? 11.038  15.493  -3.792  1.00 24.00 ? 13  DC  B "C1'" 1 
ATOM   252 N N1    . DC  B 1 1  ? 9.714   15.645  -4.430  1.00 23.52 ? 13  DC  B N1    1 
ATOM   253 C C2    . DC  B 1 1  ? 8.698   16.239  -3.685  1.00 23.50 ? 13  DC  B C2    1 
ATOM   254 O O2    . DC  B 1 1  ? 8.913   16.501  -2.474  1.00 24.27 ? 13  DC  B O2    1 
ATOM   255 N N3    . DC  B 1 1  ? 7.491   16.419  -4.267  1.00 23.31 ? 13  DC  B N3    1 
ATOM   256 C C4    . DC  B 1 1  ? 7.277   16.086  -5.575  1.00 23.98 ? 13  DC  B C4    1 
ATOM   257 N N4    . DC  B 1 1  ? 6.093   16.246  -6.179  1.00 23.93 ? 13  DC  B N4    1 
ATOM   258 C C5    . DC  B 1 1  ? 8.340   15.504  -6.334  1.00 23.79 ? 13  DC  B C5    1 
ATOM   259 C C6    . DC  B 1 1  ? 9.514   15.320  -5.722  1.00 23.57 ? 13  DC  B C6    1 
ATOM   260 P P     . DG  B 1 2  ? 14.172  12.643  -2.215  1.00 25.17 ? 14  DG  B P     1 
ATOM   261 O OP1   . DG  B 1 2  ? 15.690  12.529  -2.236  1.00 26.92 ? 14  DG  B OP1   1 
ATOM   262 O OP2   . DG  B 1 2  ? 13.599  11.401  -2.879  1.00 27.29 ? 14  DG  B OP2   1 
ATOM   263 O "O5'" . DG  B 1 2  ? 13.639  13.039  -0.765  1.00 19.66 ? 14  DG  B "O5'" 1 
ATOM   264 C "C5'" . DG  B 1 2  ? 12.606  14.007  -0.663  1.00 18.30 ? 14  DG  B "C5'" 1 
ATOM   265 C "C4'" . DG  B 1 2  ? 11.869  13.923  0.631   1.00 17.66 ? 14  DG  B "C4'" 1 
ATOM   266 O "O4'" . DG  B 1 2  ? 10.467  13.986  0.316   1.00 17.24 ? 14  DG  B "O4'" 1 
ATOM   267 C "C3'" . DG  B 1 2  ? 11.945  12.647  1.452   1.00 17.09 ? 14  DG  B "C3'" 1 
ATOM   268 O "O3'" . DG  B 1 2  ? 11.398  12.748  2.765   1.00 16.62 ? 14  DG  B "O3'" 1 
ATOM   269 C "C2'" . DG  B 1 2  ? 11.097  11.735  0.552   1.00 16.39 ? 14  DG  B "C2'" 1 
ATOM   270 C "C1'" . DG  B 1 2  ? 9.932   12.577  0.280   1.00 15.81 ? 14  DG  B "C1'" 1 
ATOM   271 N N9    . DG  B 1 2  ? 9.340   12.412  -1.065  1.00 14.06 ? 14  DG  B N9    1 
ATOM   272 C C8    . DG  B 1 2  ? 9.901   12.012  -2.194  1.00 13.56 ? 14  DG  B C8    1 
ATOM   273 N N7    . DG  B 1 2  ? 9.145   12.129  -3.269  1.00 14.11 ? 14  DG  B N7    1 
ATOM   274 C C5    . DG  B 1 2  ? 7.945   12.602  -2.736  1.00 14.31 ? 14  DG  B C5    1 
ATOM   275 C C6    . DG  B 1 2  ? 6.710   12.861  -3.375  1.00 14.06 ? 14  DG  B C6    1 
ATOM   276 O O6    . DG  B 1 2  ? 6.374   12.746  -4.553  1.00 16.04 ? 14  DG  B O6    1 
ATOM   277 N N1    . DG  B 1 2  ? 5.702   13.259  -2.534  1.00 14.81 ? 14  DG  B N1    1 
ATOM   278 C C2    . DG  B 1 2  ? 5.908   13.457  -1.206  1.00 14.21 ? 14  DG  B C2    1 
ATOM   279 N N2    . DG  B 1 2  ? 4.825   13.918  -0.618  1.00 12.94 ? 14  DG  B N2    1 
ATOM   280 N N3    . DG  B 1 2  ? 7.072   13.261  -0.564  1.00 15.27 ? 14  DG  B N3    1 
ATOM   281 C C4    . DG  B 1 2  ? 8.046   12.807  -1.410  1.00 13.98 ? 14  DG  B C4    1 
ATOM   282 P P     . DC  B 1 3  ? 11.241  11.452  3.713   1.00 16.88 ? 15  DC  B P     1 
ATOM   283 O OP1   . DC  B 1 3  ? 11.305  11.786  5.245   1.00 17.59 ? 15  DC  B OP1   1 
ATOM   284 O OP2   . DC  B 1 3  ? 12.310  10.549  3.338   1.00 15.83 ? 15  DC  B OP2   1 
ATOM   285 O "O5'" . DC  B 1 3  ? 9.718   11.217  3.461   1.00 15.98 ? 15  DC  B "O5'" 1 
ATOM   286 C "C5'" . DC  B 1 3  ? 8.896   12.133  4.436   1.00 15.58 ? 15  DC  B "C5'" 1 
ATOM   287 C "C4'" . DC  B 1 3  ? 7.550   11.891  3.796   1.00 16.82 ? 15  DC  B "C4'" 1 
ATOM   288 O "O4'" . DC  B 1 3  ? 7.623   11.762  2.398   1.00 17.75 ? 15  DC  B "O4'" 1 
ATOM   289 C "C3'" . DC  B 1 3  ? 6.956   10.485  4.205   1.00 16.17 ? 15  DC  B "C3'" 1 
ATOM   290 O "O3'" . DC  B 1 3  ? 6.522   10.561  5.494   1.00 13.39 ? 15  DC  B "O3'" 1 
ATOM   291 C "C2'" . DC  B 1 3  ? 5.957   10.292  3.074   1.00 16.36 ? 15  DC  B "C2'" 1 
ATOM   292 C "C1'" . DC  B 1 3  ? 6.386   11.169  1.985   1.00 16.80 ? 15  DC  B "C1'" 1 
ATOM   293 N N1    . DC  B 1 3  ? 6.624   10.530  0.667   1.00 17.57 ? 15  DC  B N1    1 
ATOM   294 C C2    . DC  B 1 3  ? 5.475   10.558  -0.171  1.00 17.39 ? 15  DC  B C2    1 
ATOM   295 O O2    . DC  B 1 3  ? 4.455   11.083  0.239   1.00 17.93 ? 15  DC  B O2    1 
ATOM   296 N N3    . DC  B 1 3  ? 5.606   9.973   -1.415  1.00 17.75 ? 15  DC  B N3    1 
ATOM   297 C C4    . DC  B 1 3  ? 6.804   9.451   -1.823  1.00 17.34 ? 15  DC  B C4    1 
ATOM   298 N N4    . DC  B 1 3  ? 6.924   8.934   -3.067  1.00 18.54 ? 15  DC  B N4    1 
ATOM   299 C C5    . DC  B 1 3  ? 7.916   9.443   -0.949  1.00 16.54 ? 15  DC  B C5    1 
ATOM   300 C C6    . DC  B 1 3  ? 7.770   9.996   0.262   1.00 15.99 ? 15  DC  B C6    1 
ATOM   301 P P     . DA  B 1 4  ? 6.112   9.827   6.692   1.00 10.42 ? 16  DA  B P     1 
ATOM   302 O OP1   . DA  B 1 4  ? 6.608   10.376  8.036   1.00 12.64 ? 16  DA  B OP1   1 
ATOM   303 O OP2   . DA  B 1 4  ? 6.607   8.392   6.623   1.00 9.04  ? 16  DA  B OP2   1 
ATOM   304 O "O5'" . DA  B 1 4  ? 4.473   9.851   6.752   1.00 12.73 ? 16  DA  B "O5'" 1 
ATOM   305 C "C5'" . DA  B 1 4  ? 3.658   10.919  6.475   1.00 13.51 ? 16  DA  B "C5'" 1 
ATOM   306 C "C4'" . DA  B 1 4  ? 2.375   10.731  5.816   1.00 14.38 ? 16  DA  B "C4'" 1 
ATOM   307 O "O4'" . DA  B 1 4  ? 2.652   10.572  4.362   1.00 14.53 ? 16  DA  B "O4'" 1 
ATOM   308 C "C3'" . DA  B 1 4  ? 1.454   9.531   6.208   1.00 14.81 ? 16  DA  B "C3'" 1 
ATOM   309 O "O3'" . DA  B 1 4  ? 0.091   9.828   6.075   1.00 15.85 ? 16  DA  B "O3'" 1 
ATOM   310 C "C2'" . DA  B 1 4  ? 1.886   8.475   5.246   1.00 13.58 ? 16  DA  B "C2'" 1 
ATOM   311 C "C1'" . DA  B 1 4  ? 2.148   9.318   3.996   1.00 14.37 ? 16  DA  B "C1'" 1 
ATOM   312 N N9    . DA  B 1 4  ? 3.079   8.528   3.175   1.00 13.34 ? 16  DA  B N9    1 
ATOM   313 C C8    . DA  B 1 4  ? 4.038   7.627   3.555   1.00 13.12 ? 16  DA  B C8    1 
ATOM   314 N N7    . DA  B 1 4  ? 4.668   7.071   2.567   1.00 12.57 ? 16  DA  B N7    1 
ATOM   315 C C5    . DA  B 1 4  ? 4.012   7.600   1.452   1.00 14.14 ? 16  DA  B C5    1 
ATOM   316 C C6    . DA  B 1 4  ? 4.180   7.389   0.073   1.00 13.66 ? 16  DA  B C6    1 
ATOM   317 N N6    . DA  B 1 4  ? 5.068   6.523   -0.408  1.00 14.78 ? 16  DA  B N6    1 
ATOM   318 N N1    . DA  B 1 4  ? 3.315   8.095   -0.691  1.00 15.09 ? 16  DA  B N1    1 
ATOM   319 C C2    . DA  B 1 4  ? 2.394   8.974   -0.169  1.00 15.00 ? 16  DA  B C2    1 
ATOM   320 N N3    . DA  B 1 4  ? 2.200   9.226   1.061   1.00 15.05 ? 16  DA  B N3    1 
ATOM   321 C C4    . DA  B 1 4  ? 3.055   8.511   1.843   1.00 13.65 ? 16  DA  B C4    1 
ATOM   322 P P     . DA  B 1 5  ? -1.162  9.202   6.909   1.00 21.27 ? 17  DA  B P     1 
ATOM   323 O OP1   . DA  B 1 5  ? -1.883  10.222  7.766   1.00 17.69 ? 17  DA  B OP1   1 
ATOM   324 O OP2   . DA  B 1 5  ? -0.478  8.170   7.685   1.00 16.65 ? 17  DA  B OP2   1 
ATOM   325 O "O5'" . DA  B 1 5  ? -2.097  8.906   5.655   1.00 12.65 ? 17  DA  B "O5'" 1 
ATOM   326 C "C5'" . DA  B 1 5  ? -1.674  9.550   4.457   1.00 10.71 ? 17  DA  B "C5'" 1 
ATOM   327 C "C4'" . DA  B 1 5  ? -2.831  9.583   3.540   1.00 7.54  ? 17  DA  B "C4'" 1 
ATOM   328 O "O4'" . DA  B 1 5  ? -2.254  9.051   2.283   1.00 8.26  ? 17  DA  B "O4'" 1 
ATOM   329 C "C3'" . DA  B 1 5  ? -3.948  8.654   3.683   1.00 8.75  ? 17  DA  B "C3'" 1 
ATOM   330 O "O3'" . DA  B 1 5  ? -4.808  8.570   2.485   1.00 7.97  ? 17  DA  B "O3'" 1 
ATOM   331 C "C2'" . DA  B 1 5  ? -3.080  7.339   3.735   1.00 8.29  ? 17  DA  B "C2'" 1 
ATOM   332 C "C1'" . DA  B 1 5  ? -2.348  7.568   2.441   1.00 8.26  ? 17  DA  B "C1'" 1 
ATOM   333 N N9    . DA  B 1 5  ? -1.079  6.849   2.444   1.00 7.00  ? 17  DA  B N9    1 
ATOM   334 C C8    . DA  B 1 5  ? -0.272  6.513   3.520   1.00 7.93  ? 17  DA  B C8    1 
ATOM   335 N N7    . DA  B 1 5  ? 0.804   5.839   3.204   1.00 6.12  ? 17  DA  B N7    1 
ATOM   336 C C5    . DA  B 1 5  ? 0.757   5.828   1.825   1.00 6.28  ? 17  DA  B C5    1 
ATOM   337 C C6    . DA  B 1 5  ? 1.608   5.242   0.858   1.00 7.14  ? 17  DA  B C6    1 
ATOM   338 N N6    . DA  B 1 5  ? 2.748   4.614   1.195   1.00 7.18  ? 17  DA  B N6    1 
ATOM   339 N N1    . DA  B 1 5  ? 1.233   5.346   -0.422  1.00 6.95  ? 17  DA  B N1    1 
ATOM   340 C C2    . DA  B 1 5  ? -0.020  5.958   -0.776  1.00 7.02  ? 17  DA  B C2    1 
ATOM   341 N N3    . DA  B 1 5  ? -0.813  6.547   0.065   1.00 6.82  ? 17  DA  B N3    1 
ATOM   342 C C4    . DA  B 1 5  ? -0.397  6.415   1.359   1.00 6.42  ? 17  DA  B C4    1 
ATOM   343 P P     . DA  B 1 6  ? -6.227  7.692   2.807   1.00 11.07 ? 18  DA  B P     1 
ATOM   344 O OP1   . DA  B 1 6  ? -7.348  8.498   2.121   1.00 11.14 ? 18  DA  B OP1   1 
ATOM   345 O OP2   . DA  B 1 6  ? -6.230  7.559   4.164   1.00 13.70 ? 18  DA  B OP2   1 
ATOM   346 O "O5'" . DA  B 1 6  ? -5.913  6.526   1.627   1.00 10.23 ? 18  DA  B "O5'" 1 
ATOM   347 C "C5'" . DA  B 1 6  ? -5.730  7.428   0.395   1.00 7.41  ? 18  DA  B "C5'" 1 
ATOM   348 C "C4'" . DA  B 1 6  ? -5.499  6.536   -0.793  1.00 9.27  ? 18  DA  B "C4'" 1 
ATOM   349 O "O4'" . DA  B 1 6  ? -4.332  5.869   -0.614  1.00 8.57  ? 18  DA  B "O4'" 1 
ATOM   350 C "C3'" . DA  B 1 6  ? -6.541  5.415   -1.024  1.00 10.20 ? 18  DA  B "C3'" 1 
ATOM   351 O "O3'" . DA  B 1 6  ? -6.775  5.176   -2.411  1.00 13.24 ? 18  DA  B "O3'" 1 
ATOM   352 C "C2'" . DA  B 1 6  ? -5.864  4.336   -0.077  1.00 9.55  ? 18  DA  B "C2'" 1 
ATOM   353 C "C1'" . DA  B 1 6  ? -4.425  4.423   -0.507  1.00 8.67  ? 18  DA  B "C1'" 1 
ATOM   354 N N9    . DA  B 1 6  ? -3.333  3.870   0.319   1.00 6.45  ? 18  DA  B N9    1 
ATOM   355 C C8    . DA  B 1 6  ? -3.225  3.849   1.675   1.00 6.53  ? 18  DA  B C8    1 
ATOM   356 N N7    . DA  B 1 6  ? -2.168  3.205   2.157   1.00 6.66  ? 18  DA  B N7    1 
ATOM   357 C C5    . DA  B 1 6  ? -1.433  2.918   0.973   1.00 6.51  ? 18  DA  B C5    1 
ATOM   358 C C6    . DA  B 1 6  ? -0.161  2.381   0.819   1.00 6.06  ? 18  DA  B C6    1 
ATOM   359 N N6    . DA  B 1 6  ? 0.707   2.012   1.799   1.00 6.30  ? 18  DA  B N6    1 
ATOM   360 N N1    . DA  B 1 6  ? 0.219   2.156   -0.458  1.00 6.43  ? 18  DA  B N1    1 
ATOM   361 C C2    . DA  B 1 6  ? -0.548  2.530   -1.514  1.00 7.47  ? 18  DA  B C2    1 
ATOM   362 N N3    . DA  B 1 6  ? -1.785  3.149   -1.469  1.00 7.34  ? 18  DA  B N3    1 
ATOM   363 C C4    . DA  B 1 6  ? -2.165  3.303   -0.145  1.00 6.53  ? 18  DA  B C4    1 
ATOM   364 P P     . DT  B 1 7  ? -7.996  4.146   -2.880  1.00 18.13 ? 19  DT  B P     1 
ATOM   365 O OP1   . DT  B 1 7  ? -8.421  4.453   -4.312  1.00 14.99 ? 19  DT  B OP1   1 
ATOM   366 O OP2   . DT  B 1 7  ? -8.881  4.327   -1.764  1.00 15.11 ? 19  DT  B OP2   1 
ATOM   367 O "O5'" . DT  B 1 7  ? -7.255  2.749   -3.073  1.00 12.92 ? 19  DT  B "O5'" 1 
ATOM   368 C "C5'" . DT  B 1 7  ? -6.625  2.630   -4.466  1.00 9.76  ? 19  DT  B "C5'" 1 
ATOM   369 C "C4'" . DT  B 1 7  ? -5.449  1.743   -4.287  1.00 8.43  ? 19  DT  B "C4'" 1 
ATOM   370 O "O4'" . DT  B 1 7  ? -5.207  1.512   -2.889  1.00 8.03  ? 19  DT  B "O4'" 1 
ATOM   371 C "C3'" . DT  B 1 7  ? -5.750  0.281   -4.659  1.00 9.77  ? 19  DT  B "C3'" 1 
ATOM   372 O "O3'" . DT  B 1 7  ? -5.849  -0.003  -6.048  1.00 11.78 ? 19  DT  B "O3'" 1 
ATOM   373 C "C2'" . DT  B 1 7  ? -4.714  -0.527  -3.894  1.00 8.84  ? 19  DT  B "C2'" 1 
ATOM   374 C "C1'" . DT  B 1 7  ? -4.212  0.443   -2.955  1.00 8.53  ? 19  DT  B "C1'" 1 
ATOM   375 N N1    . DT  B 1 7  ? -3.804  0.024   -1.607  1.00 8.34  ? 19  DT  B N1    1 
ATOM   376 C C2    . DT  B 1 7  ? -2.529  -0.613  -1.582  1.00 8.58  ? 19  DT  B C2    1 
ATOM   377 O O2    . DT  B 1 7  ? -1.977  -0.970  -2.698  1.00 7.98  ? 19  DT  B O2    1 
ATOM   378 N N3    . DT  B 1 7  ? -2.050  -0.892  -0.389  1.00 6.99  ? 19  DT  B N3    1 
ATOM   379 C C4    . DT  B 1 7  ? -2.674  -0.605  0.759   1.00 7.68  ? 19  DT  B C4    1 
ATOM   380 O O4    . DT  B 1 7  ? -2.103  -0.939  1.835   1.00 9.20  ? 19  DT  B O4    1 
ATOM   381 C C5    . DT  B 1 7  ? -3.916  0.037   0.755   1.00 8.17  ? 19  DT  B C5    1 
ATOM   382 C C7    . DT  B 1 7  ? -4.602  0.386   2.054   1.00 8.76  ? 19  DT  B C7    1 
ATOM   383 C C6    . DT  B 1 7  ? -4.437  0.382   -0.470  1.00 8.16  ? 19  DT  B C6    1 
ATOM   384 P P     . DT  B 1 8  ? -6.361  -1.632  -6.221  1.00 11.94 ? 20  DT  B P     1 
ATOM   385 O OP1   . DT  B 1 8  ? -6.363  -1.875  -7.684  1.00 8.84  ? 20  DT  B OP1   1 
ATOM   386 O OP2   . DT  B 1 8  ? -7.650  -1.513  -5.577  1.00 14.03 ? 20  DT  B OP2   1 
ATOM   387 O "O5'" . DT  B 1 8  ? -5.122  -2.294  -5.532  1.00 10.24 ? 20  DT  B "O5'" 1 
ATOM   388 C "C5'" . DT  B 1 8  ? -3.933  -2.417  -6.376  1.00 12.28 ? 20  DT  B "C5'" 1 
ATOM   389 C "C4'" . DT  B 1 8  ? -3.149  -3.562  -5.815  1.00 12.68 ? 20  DT  B "C4'" 1 
ATOM   390 O "O4'" . DT  B 1 8  ? -2.985  -3.349  -4.402  1.00 13.31 ? 20  DT  B "O4'" 1 
ATOM   391 C "C3'" . DT  B 1 8  ? -3.801  -4.982  -5.958  1.00 12.69 ? 20  DT  B "C3'" 1 
ATOM   392 O "O3'" . DT  B 1 8  ? -2.862  -5.908  -6.442  1.00 11.99 ? 20  DT  B "O3'" 1 
ATOM   393 C "C2'" . DT  B 1 8  ? -4.248  -5.280  -4.549  1.00 12.14 ? 20  DT  B "C2'" 1 
ATOM   394 C "C1'" . DT  B 1 8  ? -3.070  -4.719  -3.813  1.00 12.55 ? 20  DT  B "C1'" 1 
ATOM   395 N N1    . DT  B 1 8  ? -3.244  -4.496  -2.400  1.00 12.88 ? 20  DT  B N1    1 
ATOM   396 C C2    . DT  B 1 8  ? -2.181  -4.759  -1.540  1.00 12.50 ? 20  DT  B C2    1 
ATOM   397 O O2    . DT  B 1 8  ? -1.138  -5.172  -2.039  1.00 12.26 ? 20  DT  B O2    1 
ATOM   398 N N3    . DT  B 1 8  ? -2.375  -4.491  -0.224  1.00 13.07 ? 20  DT  B N3    1 
ATOM   399 C C4    . DT  B 1 8  ? -3.544  -3.955  0.250   1.00 13.86 ? 20  DT  B C4    1 
ATOM   400 O O4    . DT  B 1 8  ? -3.690  -3.668  1.483   1.00 13.48 ? 20  DT  B O4    1 
ATOM   401 C C5    . DT  B 1 8  ? -4.622  -3.717  -0.652  1.00 13.19 ? 20  DT  B C5    1 
ATOM   402 C C7    . DT  B 1 8  ? -5.961  -3.199  -0.182  1.00 13.68 ? 20  DT  B C7    1 
ATOM   403 C C6    . DT  B 1 8  ? -4.420  -3.975  -1.941  1.00 12.33 ? 20  DT  B C6    1 
ATOM   404 P P     . DT  B 1 9  ? -2.936  -6.939  -7.591  1.00 15.60 ? 21  DT  B P     1 
ATOM   405 O OP1   . DT  B 1 9  ? -2.220  -6.739  -8.844  1.00 10.59 ? 21  DT  B OP1   1 
ATOM   406 O OP2   . DT  B 1 9  ? -4.361  -7.315  -7.750  1.00 11.14 ? 21  DT  B OP2   1 
ATOM   407 O "O5'" . DT  B 1 9  ? -2.128  -8.135  -6.688  1.00 12.49 ? 21  DT  B "O5'" 1 
ATOM   408 C "C5'" . DT  B 1 9  ? -1.000  -7.548  -5.953  1.00 13.03 ? 21  DT  B "C5'" 1 
ATOM   409 C "C4'" . DT  B 1 9  ? -0.639  -8.485  -4.812  1.00 13.31 ? 21  DT  B "C4'" 1 
ATOM   410 O "O4'" . DT  B 1 9  ? -0.927  -7.921  -3.571  1.00 12.62 ? 21  DT  B "O4'" 1 
ATOM   411 C "C3'" . DT  B 1 9  ? -1.442  -9.806  -4.881  1.00 13.45 ? 21  DT  B "C3'" 1 
ATOM   412 O "O3'" . DT  B 1 9  ? -0.658  -10.845 -5.440  1.00 15.17 ? 21  DT  B "O3'" 1 
ATOM   413 C "C2'" . DT  B 1 9  ? -1.883  -9.975  -3.483  1.00 13.83 ? 21  DT  B "C2'" 1 
ATOM   414 C "C1'" . DT  B 1 9  ? -1.169  -8.984  -2.641  1.00 11.54 ? 21  DT  B "C1'" 1 
ATOM   415 N N1    . DT  B 1 9  ? -2.104  -8.561  -1.620  1.00 10.78 ? 21  DT  B N1    1 
ATOM   416 C C2    . DT  B 1 9  ? -1.688  -8.470  -0.297  1.00 12.00 ? 21  DT  B C2    1 
ATOM   417 O O2    . DT  B 1 9  ? -0.566  -8.880  0.023   1.00 12.42 ? 21  DT  B O2    1 
ATOM   418 N N3    . DT  B 1 9  ? -2.591  -8.013  0.648   1.00 10.71 ? 21  DT  B N3    1 
ATOM   419 C C4    . DT  B 1 9  ? -3.825  -7.604  0.282   1.00 10.66 ? 21  DT  B C4    1 
ATOM   420 O O4    . DT  B 1 9  ? -4.626  -7.184  1.167   1.00 10.47 ? 21  DT  B O4    1 
ATOM   421 C C5    . DT  B 1 9  ? -4.205  -7.635  -1.086  1.00 11.12 ? 21  DT  B C5    1 
ATOM   422 C C7    . DT  B 1 9  ? -5.554  -7.183  -1.586  1.00 10.46 ? 21  DT  B C7    1 
ATOM   423 C C6    . DT  B 1 9  ? -3.321  -8.119  -1.978  1.00 11.03 ? 21  DT  B C6    1 
ATOM   424 P P     . DG  B 1 10 ? -0.713  -12.465 -5.208  1.00 17.42 ? 22  DG  B P     1 
ATOM   425 O OP1   . DG  B 1 10 ? 0.715   -12.898 -5.805  1.00 13.24 ? 22  DG  B OP1   1 
ATOM   426 O OP2   . DG  B 1 10 ? -1.779  -12.986 -5.971  1.00 15.21 ? 22  DG  B OP2   1 
ATOM   427 O "O5'" . DG  B 1 10 ? -0.639  -12.617 -3.613  1.00 18.29 ? 22  DG  B "O5'" 1 
ATOM   428 C "C5'" . DG  B 1 10 ? 0.594   -12.365 -2.893  1.00 16.73 ? 22  DG  B "C5'" 1 
ATOM   429 C "C4'" . DG  B 1 10 ? 0.714   -13.299 -1.692  1.00 15.64 ? 22  DG  B "C4'" 1 
ATOM   430 O "O4'" . DG  B 1 10 ? -0.021  -12.585 -0.679  1.00 15.43 ? 22  DG  B "O4'" 1 
ATOM   431 C "C3'" . DG  B 1 10 ? 0.058   -14.627 -1.666  1.00 16.41 ? 22  DG  B "C3'" 1 
ATOM   432 O "O3'" . DG  B 1 10 ? 0.084   -15.454 -0.491  1.00 18.75 ? 22  DG  B "O3'" 1 
ATOM   433 C "C2'" . DG  B 1 10 ? -1.422  -14.096 -1.834  1.00 15.39 ? 22  DG  B "C2'" 1 
ATOM   434 C "C1'" . DG  B 1 10 ? -1.311  -13.205 -0.588  1.00 12.68 ? 22  DG  B "C1'" 1 
ATOM   435 N N9    . DG  B 1 10 ? -2.515  -12.408 -0.528  1.00 11.10 ? 22  DG  B N9    1 
ATOM   436 C C8    . DG  B 1 10 ? -3.537  -12.261 -1.451  1.00 9.92  ? 22  DG  B C8    1 
ATOM   437 N N7    . DG  B 1 10 ? -4.538  -11.539 -1.036  1.00 10.51 ? 22  DG  B N7    1 
ATOM   438 C C5    . DG  B 1 10 ? -4.189  -11.273 0.323   1.00 10.59 ? 22  DG  B C5    1 
ATOM   439 C C6    . DG  B 1 10 ? -4.881  -10.586 1.302   1.00 10.83 ? 22  DG  B C6    1 
ATOM   440 O O6    . DG  B 1 10 ? -5.963  -9.991  1.398   1.00 13.04 ? 22  DG  B O6    1 
ATOM   441 N N1    . DG  B 1 10 ? -4.143  -10.427 2.494   1.00 11.77 ? 22  DG  B N1    1 
ATOM   442 C C2    . DG  B 1 10 ? -3.000  -11.114 2.698   1.00 9.93  ? 22  DG  B C2    1 
ATOM   443 N N2    . DG  B 1 10 ? -2.671  -10.812 3.986   1.00 11.33 ? 22  DG  B N2    1 
ATOM   444 N N3    . DG  B 1 10 ? -2.335  -11.735 1.811   1.00 9.40  ? 22  DG  B N3    1 
ATOM   445 C C4    . DG  B 1 10 ? -2.982  -11.796 0.634   1.00 10.15 ? 22  DG  B C4    1 
ATOM   446 P P     . DC  B 1 11 ? 1.257   -16.697 -0.552  1.00 24.73 ? 23  DC  B P     1 
ATOM   447 O OP1   . DC  B 1 11 ? 2.355   -16.048 -1.438  1.00 18.57 ? 23  DC  B OP1   1 
ATOM   448 O OP2   . DC  B 1 11 ? 0.528   -17.792 -1.178  1.00 19.44 ? 23  DC  B OP2   1 
ATOM   449 O "O5'" . DC  B 1 11 ? 1.687   -16.786 0.985   1.00 19.55 ? 23  DC  B "O5'" 1 
ATOM   450 C "C5'" . DC  B 1 11 ? 1.567   -15.509 1.788   1.00 18.65 ? 23  DC  B "C5'" 1 
ATOM   451 C "C4'" . DC  B 1 11 ? 1.319   -15.835 3.257   1.00 17.66 ? 23  DC  B "C4'" 1 
ATOM   452 O "O4'" . DC  B 1 11 ? 0.179   -14.990 3.668   1.00 16.86 ? 23  DC  B "O4'" 1 
ATOM   453 C "C3'" . DC  B 1 11 ? 0.934   -17.257 3.652   1.00 16.73 ? 23  DC  B "C3'" 1 
ATOM   454 O "O3'" . DC  B 1 11 ? 1.138   -17.733 4.981   1.00 17.79 ? 23  DC  B "O3'" 1 
ATOM   455 C "C2'" . DC  B 1 11 ? -0.549  -17.146 3.182   1.00 15.30 ? 23  DC  B "C2'" 1 
ATOM   456 C "C1'" . DC  B 1 11 ? -0.985  -15.751 3.720   1.00 12.82 ? 23  DC  B "C1'" 1 
ATOM   457 N N1    . DC  B 1 11 ? -2.214  -15.315 2.996   1.00 11.68 ? 23  DC  B N1    1 
ATOM   458 C C2    . DC  B 1 11 ? -3.204  -14.679 3.775   1.00 10.56 ? 23  DC  B C2    1 
ATOM   459 O O2    . DC  B 1 11 ? -2.984  -14.464 4.985   1.00 10.08 ? 23  DC  B O2    1 
ATOM   460 N N3    . DC  B 1 11 ? -4.410  -14.404 3.202   1.00 8.92  ? 23  DC  B N3    1 
ATOM   461 C C4    . DC  B 1 11 ? -4.678  -14.737 1.930   1.00 9.11  ? 23  DC  B C4    1 
ATOM   462 N N4    . DC  B 1 11 ? -5.850  -14.448 1.348   1.00 10.38 ? 23  DC  B N4    1 
ATOM   463 C C5    . DC  B 1 11 ? -3.712  -15.402 1.158   1.00 9.96  ? 23  DC  B C5    1 
ATOM   464 C C6    . DC  B 1 11 ? -2.538  -15.674 1.761   1.00 9.82  ? 23  DC  B C6    1 
ATOM   465 P P     . DG  B 1 12 ? 0.783   -19.279 5.440   1.00 22.04 ? 24  DG  B P     1 
ATOM   466 O OP1   . DG  B 1 12 ? 1.775   -20.057 6.231   1.00 19.45 ? 24  DG  B OP1   1 
ATOM   467 O OP2   . DG  B 1 12 ? 0.417   -20.042 4.216   1.00 19.61 ? 24  DG  B OP2   1 
ATOM   468 O "O5'" . DG  B 1 12 ? -0.445  -18.987 6.491   1.00 18.96 ? 24  DG  B "O5'" 1 
ATOM   469 C "C5'" . DG  B 1 12 ? -0.242  -17.641 7.103   1.00 17.08 ? 24  DG  B "C5'" 1 
ATOM   470 C "C4'" . DG  B 1 12 ? -0.871  -17.858 8.470   1.00 17.31 ? 24  DG  B "C4'" 1 
ATOM   471 O "O4'" . DG  B 1 12 ? -1.796  -16.760 8.671   1.00 16.31 ? 24  DG  B "O4'" 1 
ATOM   472 C "C3'" . DG  B 1 12 ? -1.630  -19.120 8.634   1.00 17.63 ? 24  DG  B "C3'" 1 
ATOM   473 O "O3'" . DG  B 1 12 ? -1.058  -20.082 9.606   1.00 17.31 ? 24  DG  B "O3'" 1 
ATOM   474 C "C2'" . DG  B 1 12 ? -3.024  -18.655 9.102   1.00 17.43 ? 24  DG  B "C2'" 1 
ATOM   475 C "C1'" . DG  B 1 12 ? -3.070  -17.248 8.510   1.00 14.84 ? 24  DG  B "C1'" 1 
ATOM   476 N N9    . DG  B 1 12 ? -3.502  -17.439 7.101   1.00 13.34 ? 24  DG  B N9    1 
ATOM   477 C C8    . DG  B 1 12 ? -3.004  -18.061 6.090   1.00 13.00 ? 24  DG  B C8    1 
ATOM   478 N N7    . DG  B 1 12 ? -3.826  -18.100 4.982   1.00 12.50 ? 24  DG  B N7    1 
ATOM   479 C C5    . DG  B 1 12 ? -4.922  -17.380 5.426   1.00 12.40 ? 24  DG  B C5    1 
ATOM   480 C C6    . DG  B 1 12 ? -6.130  -17.026 4.781   1.00 12.50 ? 24  DG  B C6    1 
ATOM   481 O O6    . DG  B 1 12 ? -6.354  -17.257 3.588   1.00 12.81 ? 24  DG  B O6    1 
ATOM   482 N N1    . DG  B 1 12 ? -7.002  -16.282 5.547   1.00 12.57 ? 24  DG  B N1    1 
ATOM   483 C C2    . DG  B 1 12 ? -6.744  -15.932 6.790   1.00 12.80 ? 24  DG  B C2    1 
ATOM   484 N N2    . DG  B 1 12 ? -7.682  -15.238 7.528   1.00 14.23 ? 24  DG  B N2    1 
ATOM   485 N N3    . DG  B 1 12 ? -5.661  -16.271 7.472   1.00 13.53 ? 24  DG  B N3    1 
ATOM   486 C C4    . DG  B 1 12 ? -4.767  -16.964 6.707   1.00 13.12 ? 24  DG  B C4    1 
HETATM 487 C C1    . DMY C 2 .  ? -3.149  5.734   -4.462  1.00 32.05 ? 25  DMY A C1    1 
HETATM 488 O O1    . DMY C 2 .  ? -3.837  5.929   -5.506  1.00 32.39 ? 25  DMY A O1    1 
HETATM 489 N N1    . DMY C 2 .  ? -2.415  4.573   -4.313  1.00 30.60 ? 25  DMY A N1    1 
HETATM 490 C C2    . DMY C 2 .  ? -2.481  3.670   -5.448  1.00 31.11 ? 25  DMY A C2    1 
HETATM 491 C C3    . DMY C 2 .  ? -2.046  2.378   -5.431  1.00 29.72 ? 25  DMY A C3    1 
HETATM 492 C C4    . DMY C 2 .  ? -2.317  1.891   -6.676  1.00 29.22 ? 25  DMY A C4    1 
HETATM 493 N N2    . DMY C 2 .  ? -2.861  2.870   -7.459  1.00 30.19 ? 25  DMY A N2    1 
HETATM 494 C C5    . DMY C 2 .  ? -2.981  3.993   -6.701  1.00 29.97 ? 25  DMY A C5    1 
HETATM 495 C C6    . DMY C 2 .  ? -3.310  2.838   -8.878  1.00 29.68 ? 25  DMY A C6    1 
HETATM 496 C C7    . DMY C 2 .  ? -1.942  0.578   -7.245  1.00 28.44 ? 25  DMY A C7    1 
HETATM 497 O O2    . DMY C 2 .  ? -2.213  0.196   -8.392  1.00 27.36 ? 25  DMY A O2    1 
HETATM 498 N N3    . DMY C 2 .  ? -1.139  -0.067  -6.375  1.00 26.57 ? 25  DMY A N3    1 
HETATM 499 C C8    . DMY C 2 .  ? -0.581  -1.336  -6.643  1.00 25.37 ? 25  DMY A C8    1 
HETATM 500 C C9    . DMY C 2 .  ? -0.120  -2.169  -5.632  1.00 24.78 ? 25  DMY A C9    1 
HETATM 501 C C10   . DMY C 2 .  ? 0.384   -3.289  -6.251  1.00 23.12 ? 25  DMY A C10   1 
HETATM 502 N N4    . DMY C 2 .  ? 0.183   -3.173  -7.592  1.00 23.69 ? 25  DMY A N4    1 
HETATM 503 C C11   . DMY C 2 .  ? -0.448  -1.950  -7.837  1.00 24.19 ? 25  DMY A C11   1 
HETATM 504 C C12   . DMY C 2 .  ? 0.512   -4.083  -8.702  1.00 22.57 ? 25  DMY A C12   1 
HETATM 505 C C13   . DMY C 2 .  ? 1.022   -4.538  -5.782  1.00 22.64 ? 25  DMY A C13   1 
HETATM 506 O O3    . DMY C 2 .  ? 1.495   -5.283  -6.649  1.00 21.12 ? 25  DMY A O3    1 
HETATM 507 N N5    . DMY C 2 .  ? 1.013   -4.807  -4.453  1.00 22.31 ? 25  DMY A N5    1 
HETATM 508 C C14   . DMY C 2 .  ? 1.651   -6.050  -3.989  1.00 21.22 ? 25  DMY A C14   1 
HETATM 509 C C15   . DMY C 2 .  ? 1.718   -6.351  -2.597  1.00 21.62 ? 25  DMY A C15   1 
HETATM 510 C C16   . DMY C 2 .  ? 2.366   -7.586  -2.474  1.00 20.86 ? 25  DMY A C16   1 
HETATM 511 N N6    . DMY C 2 .  ? 2.687   -7.966  -3.736  1.00 21.21 ? 25  DMY A N6    1 
HETATM 512 C C17   . DMY C 2 .  ? 2.231   -7.027  -4.635  1.00 20.93 ? 25  DMY A C17   1 
HETATM 513 C C18   . DMY C 2 .  ? 3.372   -9.048  -4.416  1.00 20.37 ? 25  DMY A C18   1 
HETATM 514 C C19   . DMY C 2 .  ? 2.704   -8.179  -1.183  1.00 21.67 ? 25  DMY A C19   1 
HETATM 515 O O4    . DMY C 2 .  ? 3.642   -8.961  -1.065  1.00 22.37 ? 25  DMY A O4    1 
HETATM 516 N N7    . DMY C 2 .  ? 2.128   -7.733  -0.066  1.00 20.50 ? 25  DMY A N7    1 
HETATM 517 C C20   . DMY C 2 .  ? 2.395   -8.248  1.315   1.00 21.91 ? 25  DMY A C20   1 
HETATM 518 C C21   . DMY C 2 .  ? 2.352   -9.764  1.436   1.00 21.17 ? 25  DMY A C21   1 
HETATM 519 C C22   . DMY C 2 .  ? 1.726   -10.363 2.672   1.00 20.69 ? 25  DMY A C22   1 
HETATM 520 N N8    . DMY C 2 .  ? 1.421   -11.692 2.544   1.00 21.77 ? 25  DMY A N8    1 
HETATM 521 N N9    . DMY C 2 .  ? 1.422   -9.791  3.797   1.00 18.95 ? 25  DMY A N9    1 
HETATM 522 O O     . HOH D 3 .  ? 15.865  -6.857  12.184  1.00 16.34 ? 30  HOH A O     1 
HETATM 523 O O     . HOH D 3 .  ? 11.552  -6.068  8.925   1.00 18.53 ? 31  HOH A O     1 
HETATM 524 O O     . HOH D 3 .  ? -9.914  -10.567 1.156   1.00 13.88 ? 33  HOH A O     1 
HETATM 525 O O     . HOH D 3 .  ? -8.066  -3.083  5.760   1.00 19.88 ? 34  HOH A O     1 
HETATM 526 O O     . HOH D 3 .  ? -4.207  -1.547  5.931   1.00 10.42 ? 38  HOH A O     1 
HETATM 527 O O     . HOH D 3 .  ? -2.716  21.678  -5.455  1.00 12.87 ? 39  HOH A O     1 
HETATM 528 O O     . HOH D 3 .  ? -9.398  -14.662 0.331   1.00 29.46 ? 42  HOH A O     1 
HETATM 529 O O     . HOH D 3 .  ? 14.050  -1.193  4.842   1.00 2.50  ? 43  HOH A O     1 
HETATM 530 O O     . HOH D 3 .  ? 8.242   -2.112  -12.109 1.00 12.17 ? 44  HOH A O     1 
HETATM 531 O O     . HOH D 3 .  ? 7.763   1.624   6.093   1.00 26.57 ? 45  HOH A O     1 
HETATM 532 O O     . HOH D 3 .  ? -4.063  3.613   9.644   1.00 2.50  ? 46  HOH A O     1 
HETATM 533 O O     . HOH D 3 .  ? 7.288   -5.182  11.783  1.00 19.99 ? 48  HOH A O     1 
HETATM 534 O O     . HOH D 3 .  ? -4.904  17.081  3.256   1.00 38.35 ? 49  HOH A O     1 
HETATM 535 O O     . HOH D 3 .  ? 1.450   -0.342  -12.724 1.00 15.52 ? 50  HOH A O     1 
HETATM 536 O O     . HOH D 3 .  ? 7.466   0.889   -13.773 1.00 5.14  ? 51  HOH A O     1 
HETATM 537 O O     . HOH D 3 .  ? -1.626  8.625   -2.060  1.00 9.67  ? 60  HOH A O     1 
HETATM 538 O O     . HOH D 3 .  ? 5.615   -9.494  -9.893  1.00 7.47  ? 65  HOH A O     1 
HETATM 539 O O     . HOH D 3 .  ? 3.392   0.085   5.291   1.00 18.21 ? 66  HOH A O     1 
HETATM 540 O O     . HOH D 3 .  ? -5.151  7.650   -12.710 1.00 13.09 ? 72  HOH A O     1 
HETATM 541 O O     . HOH D 3 .  ? -5.693  -2.940  8.797   1.00 24.16 ? 73  HOH A O     1 
HETATM 542 O O     . HOH D 3 .  ? 12.089  -4.138  3.963   1.00 38.89 ? 74  HOH A O     1 
HETATM 543 O O     . HOH D 3 .  ? 6.975   6.950   -7.997  1.00 22.10 ? 75  HOH A O     1 
HETATM 544 O O     . HOH D 3 .  ? 5.055   8.917   -8.373  1.00 27.03 ? 77  HOH A O     1 
HETATM 545 O O     . HOH D 3 .  ? 9.753   1.033   0.907   1.00 9.67  ? 82  HOH A O     1 
HETATM 546 O O     . HOH D 3 .  ? 3.349   -8.379  -6.834  1.00 36.53 ? 83  HOH A O     1 
HETATM 547 O O     . HOH D 3 .  ? 7.629   10.733  -8.549  1.00 19.12 ? 84  HOH A O     1 
HETATM 548 O O     . HOH D 3 .  ? 6.017   -10.017 -7.278  1.00 19.69 ? 86  HOH A O     1 
HETATM 549 O O     . HOH D 3 .  ? 3.802   0.531   9.424   1.00 22.32 ? 88  HOH A O     1 
HETATM 550 O O     . HOH D 3 .  ? 1.175   1.234   10.254  1.00 14.74 ? 89  HOH A O     1 
HETATM 551 O O     . HOH D 3 .  ? 8.727   -2.679  0.153   1.00 23.66 ? 90  HOH A O     1 
HETATM 552 O O     . HOH D 3 .  ? 1.063   0.252   6.797   1.00 20.45 ? 91  HOH A O     1 
HETATM 553 O O     . HOH D 3 .  ? -3.106  0.530   8.759   1.00 36.62 ? 92  HOH A O     1 
HETATM 554 O O     . HOH D 3 .  ? -1.087  -0.275  -10.905 1.00 37.29 ? 93  HOH A O     1 
HETATM 555 O O     . HOH D 3 .  ? 6.374   -6.602  -11.174 1.00 27.36 ? 94  HOH A O     1 
HETATM 556 O O     . HOH D 3 .  ? 1.979   -6.017  -9.966  1.00 10.42 ? 95  HOH A O     1 
HETATM 557 O O     . HOH D 3 .  ? -0.606  20.439  -4.235  1.00 41.00 ? 96  HOH A O     1 
HETATM 558 O O     . HOH D 3 .  ? -1.606  -2.306  9.488   1.00 26.91 ? 97  HOH A O     1 
HETATM 559 O O     . HOH D 3 .  ? 4.370   -11.605 -3.208  1.00 34.96 ? 98  HOH A O     1 
HETATM 560 O O     . HOH D 3 .  ? 5.612   -12.889 -6.356  1.00 6.61  ? 99  HOH A O     1 
HETATM 561 O O     . HOH D 3 .  ? 3.378   -13.172 -8.404  1.00 2.50  ? 100 HOH A O     1 
HETATM 562 O O     . HOH E 3 .  ? -7.396  -6.997  -5.745  1.00 29.32 ? 26  HOH B O     1 
HETATM 563 O O     . HOH E 3 .  ? -13.510 -5.401  -0.008  1.00 11.71 ? 27  HOH B O     1 
HETATM 564 O O     . HOH E 3 .  ? -7.696  -4.951  2.503   1.00 32.53 ? 28  HOH B O     1 
HETATM 565 O O     . HOH E 3 .  ? -12.413 -4.604  3.636   1.00 15.56 ? 29  HOH B O     1 
HETATM 566 O O     . HOH E 3 .  ? -5.489  -7.083  -14.243 1.00 19.47 ? 32  HOH B O     1 
HETATM 567 O O     . HOH E 3 .  ? -10.284 -3.077  0.868   1.00 26.30 ? 35  HOH B O     1 
HETATM 568 O O     . HOH E 3 .  ? -14.230 -2.083  -4.110  1.00 10.06 ? 36  HOH B O     1 
HETATM 569 O O     . HOH E 3 .  ? -13.217 -0.565  2.698   1.00 13.86 ? 37  HOH B O     1 
HETATM 570 O O     . HOH E 3 .  ? -2.472  -4.838  -14.258 1.00 2.50  ? 40  HOH B O     1 
HETATM 571 O O     . HOH E 3 .  ? -3.277  -3.558  -10.479 1.00 6.32  ? 41  HOH B O     1 
HETATM 572 O O     . HOH E 3 .  ? -4.613  -0.750  -15.006 1.00 23.87 ? 47  HOH B O     1 
HETATM 573 O O     . HOH E 3 .  ? 1.392   -15.896 -5.951  1.00 16.37 ? 52  HOH B O     1 
HETATM 574 O O     . HOH E 3 .  ? -11.119 5.399   0.253   1.00 31.15 ? 53  HOH B O     1 
HETATM 575 O O     . HOH E 3 .  ? 14.256  10.089  -0.772  1.00 26.98 ? 54  HOH B O     1 
HETATM 576 O O     . HOH E 3 .  ? -5.436  2.729   -14.573 1.00 2.50  ? 55  HOH B O     1 
HETATM 577 O O     . HOH E 3 .  ? -14.930 7.096   -2.982  1.00 9.98  ? 56  HOH B O     1 
HETATM 578 O O     . HOH E 3 .  ? -7.001  11.499  0.843   1.00 20.04 ? 57  HOH B O     1 
HETATM 579 O O     . HOH E 3 .  ? 12.843  11.535  11.556  1.00 19.21 ? 58  HOH B O     1 
HETATM 580 O O     . HOH E 3 .  ? 14.974  6.117   4.954   1.00 22.40 ? 59  HOH B O     1 
HETATM 581 O O     . HOH E 3 .  ? -10.769 7.756   -5.901  1.00 10.73 ? 61  HOH B O     1 
HETATM 582 O O     . HOH E 3 .  ? 12.202  8.023   10.039  1.00 22.44 ? 62  HOH B O     1 
HETATM 583 O O     . HOH E 3 .  ? -7.707  -0.449  1.361   1.00 18.31 ? 63  HOH B O     1 
HETATM 584 O O     . HOH E 3 .  ? -5.865  -2.806  3.051   1.00 17.65 ? 64  HOH B O     1 
HETATM 585 O O     . HOH E 3 .  ? 6.188   4.413   5.164   1.00 13.44 ? 67  HOH B O     1 
HETATM 586 O O     . HOH E 3 .  ? -2.488  2.110   5.081   1.00 2.50  ? 68  HOH B O     1 
HETATM 587 O O     . HOH E 3 .  ? 4.862   11.373  9.308   1.00 21.70 ? 69  HOH B O     1 
HETATM 588 O O     . HOH E 3 .  ? -1.823  -8.737  -13.172 1.00 28.02 ? 70  HOH B O     1 
HETATM 589 O O     . HOH E 3 .  ? 9.109   12.342  8.547   1.00 29.55 ? 71  HOH B O     1 
HETATM 590 O O     . HOH E 3 .  ? 12.916  11.565  8.185   1.00 15.54 ? 76  HOH B O     1 
HETATM 591 O O     . HOH E 3 .  ? -4.559  12.800  1.340   1.00 41.38 ? 78  HOH B O     1 
HETATM 592 O O     . HOH E 3 .  ? -11.454 5.189   -4.849  1.00 24.59 ? 79  HOH B O     1 
HETATM 593 O O     . HOH E 3 .  ? 19.029  2.033   5.085   1.00 27.72 ? 80  HOH B O     1 
HETATM 594 O O     . HOH E 3 .  ? -2.210  5.530   5.317   1.00 33.86 ? 81  HOH B O     1 
HETATM 595 O O     . HOH E 3 .  ? -11.224 0.916   -1.814  1.00 25.05 ? 85  HOH B O     1 
HETATM 596 O O     . HOH E 3 .  ? -2.312  -15.959 -4.929  1.00 10.26 ? 87  HOH B O     1 
# 
